data_3QRV
#
_entry.id   3QRV
#
_cell.length_a   72.170
_cell.length_b   93.390
_cell.length_c   108.870
_cell.angle_alpha   90.00
_cell.angle_beta   90.00
_cell.angle_gamma   90.00
#
_symmetry.space_group_name_H-M   'P 21 21 21'
#
loop_
_entity.id
_entity.type
_entity.pdbx_description
1 polymer Plasmepsin-1
2 water water
#
_entity_poly.entity_id   1
_entity_poly.type   'polypeptide(L)'
_entity_poly.pdbx_seq_one_letter_code
;TQKPHLGNAGDSVTLNDVANVMYYGEAQIGDNKQKFAFIFDTGSANLWVPSAQCNTIGCKTKNLYDSNKSKTYEKDGTKV
EMNYVSGTVSGFFSKDIVTIANLSFPYKFIEVTDTNGFEPAYTLGQFDGIVGLGWKDLSIGSVDPVVVELKNQNKIEQAV
FTFYLPFDDKHKGYLTIGGIEDRFYEGQLTYEKLNHDLYWQVDLDLHFGNLTVEKATAIVDSGTSSITAPTEFLNKFFEG
LDVVKIPFLPLYITTCNNPKLPTLEFRSATNVYTLEPEYYLQQIFDFGISLCMVSIIPVDLNKNTFILGDPFMRKYFTVF
DYDNHTVGFALAKKKL
;
_entity_poly.pdbx_strand_id   A,B
#
# COMPACT_ATOMS: atom_id res chain seq x y z
N ALA A 9 4.20 -27.76 30.26
CA ALA A 9 3.44 -26.66 30.92
C ALA A 9 3.57 -25.27 30.19
N GLY A 10 2.81 -25.11 29.07
CA GLY A 10 2.69 -23.78 28.40
C GLY A 10 1.50 -22.83 28.78
N ASP A 11 1.66 -21.54 28.46
CA ASP A 11 0.48 -20.66 28.39
C ASP A 11 0.25 -20.18 26.98
N SER A 12 -0.98 -20.30 26.46
CA SER A 12 -1.13 -20.00 25.03
C SER A 12 -2.04 -18.80 24.81
N VAL A 13 -1.64 -17.87 23.95
CA VAL A 13 -2.63 -16.93 23.42
C VAL A 13 -3.24 -17.49 22.13
N THR A 14 -4.56 -17.38 22.02
CA THR A 14 -5.33 -17.84 20.91
C THR A 14 -5.05 -16.86 19.81
N LEU A 15 -4.67 -17.37 18.64
CA LEU A 15 -4.49 -16.48 17.53
C LEU A 15 -5.73 -16.65 16.68
N ASN A 16 -6.28 -15.52 16.24
CA ASN A 16 -7.36 -15.57 15.26
C ASN A 16 -6.77 -15.18 13.95
N ASP A 17 -7.15 -15.96 12.97
CA ASP A 17 -6.68 -15.86 11.62
C ASP A 17 -7.67 -15.07 10.79
N VAL A 18 -7.22 -13.93 10.24
CA VAL A 18 -8.02 -13.29 9.20
C VAL A 18 -7.51 -13.55 7.79
N ALA A 19 -8.27 -14.34 7.03
CA ALA A 19 -8.03 -14.57 5.60
C ALA A 19 -6.69 -15.25 5.23
N ASN A 20 -5.91 -15.60 6.25
CA ASN A 20 -4.58 -16.22 6.15
C ASN A 20 -3.45 -15.19 5.94
N VAL A 21 -3.79 -13.92 5.99
CA VAL A 21 -2.79 -12.91 5.86
C VAL A 21 -2.25 -12.55 7.25
N MET A 22 -3.11 -12.51 8.27
CA MET A 22 -2.58 -12.12 9.56
C MET A 22 -3.30 -12.77 10.72
N TYR A 23 -2.61 -12.98 11.82
CA TYR A 23 -3.19 -13.62 12.95
C TYR A 23 -2.95 -12.67 14.05
N TYR A 24 -3.97 -12.47 14.84
CA TYR A 24 -3.89 -11.56 15.93
C TYR A 24 -4.42 -12.24 17.15
N GLY A 25 -3.86 -11.85 18.31
CA GLY A 25 -4.27 -12.30 19.61
C GLY A 25 -4.50 -11.16 20.57
N GLU A 26 -5.03 -11.48 21.75
CA GLU A 26 -5.23 -10.40 22.69
C GLU A 26 -4.14 -10.29 23.79
N ALA A 27 -3.77 -9.07 24.14
CA ALA A 27 -2.97 -8.87 25.34
C ALA A 27 -3.51 -7.67 26.08
N GLN A 28 -3.03 -7.51 27.32
CA GLN A 28 -3.38 -6.42 28.21
C GLN A 28 -2.19 -5.51 28.68
N ILE A 29 -2.49 -4.26 28.99
CA ILE A 29 -1.50 -3.37 29.66
C ILE A 29 -2.19 -2.64 30.80
N GLY A 30 -1.52 -2.56 31.94
CA GLY A 30 -1.98 -1.71 33.03
C GLY A 30 -2.90 -2.45 33.97
N ASP A 31 -2.95 -1.99 35.21
CA ASP A 31 -3.83 -2.54 36.24
C ASP A 31 -5.32 -2.47 35.85
N ASN A 32 -5.80 -1.33 35.35
CA ASN A 32 -7.14 -1.27 34.78
C ASN A 32 -7.27 -2.21 33.58
N LYS A 33 -6.22 -3.01 33.39
CA LYS A 33 -6.20 -4.11 32.43
C LYS A 33 -6.92 -3.79 31.14
N GLN A 34 -6.35 -2.87 30.37
CA GLN A 34 -6.85 -2.55 29.03
C GLN A 34 -6.42 -3.57 28.02
N LYS A 35 -7.34 -3.91 27.13
CA LYS A 35 -7.10 -4.96 26.15
C LYS A 35 -6.72 -4.44 24.75
N PHE A 36 -5.90 -5.19 24.02
CA PHE A 36 -5.56 -4.82 22.66
C PHE A 36 -5.39 -6.04 21.76
N ALA A 37 -5.60 -5.85 20.47
CA ALA A 37 -5.25 -6.85 19.45
C ALA A 37 -3.78 -6.63 18.97
N PHE A 38 -2.99 -7.70 19.10
CA PHE A 38 -1.62 -7.73 18.65
C PHE A 38 -1.32 -8.79 17.53
N ILE A 39 -0.51 -8.40 16.53
CA ILE A 39 0.33 -9.32 15.79
C ILE A 39 1.49 -9.76 16.71
N PHE A 40 1.70 -11.06 16.86
CA PHE A 40 2.84 -11.55 17.55
C PHE A 40 3.89 -11.90 16.48
N ASP A 41 5.03 -11.19 16.58
CA ASP A 41 5.93 -10.98 15.46
C ASP A 41 7.42 -11.30 15.76
N THR A 42 7.87 -12.51 15.34
CA THR A 42 9.23 -13.00 15.62
C THR A 42 10.26 -12.19 14.83
N GLY A 43 9.81 -11.44 13.86
CA GLY A 43 10.74 -10.56 13.17
C GLY A 43 10.91 -9.12 13.71
N SER A 44 10.48 -8.89 14.96
CA SER A 44 10.84 -7.64 15.67
C SER A 44 11.00 -7.89 17.18
N ALA A 45 11.23 -6.85 17.97
CA ALA A 45 11.74 -7.02 19.32
C ALA A 45 11.22 -6.00 20.35
N ASN A 46 10.17 -5.29 20.00
CA ASN A 46 9.62 -4.28 20.89
C ASN A 46 8.12 -4.54 21.01
N LEU A 47 7.51 -4.02 22.04
CA LEU A 47 6.08 -4.01 21.99
C LEU A 47 5.66 -2.63 21.52
N TRP A 48 4.77 -2.58 20.53
CA TRP A 48 4.25 -1.26 20.08
C TRP A 48 2.73 -1.27 20.33
N VAL A 49 2.23 -0.35 21.14
CA VAL A 49 0.79 -0.01 21.13
C VAL A 49 0.54 1.40 20.62
N PRO A 50 -0.62 1.62 19.95
CA PRO A 50 -1.05 2.99 19.68
C PRO A 50 -1.34 3.76 20.96
N SER A 51 -0.86 5.00 20.99
CA SER A 51 -1.07 5.96 22.10
C SER A 51 -2.39 6.72 22.05
N ALA A 52 -2.93 7.05 23.23
CA ALA A 52 -4.12 7.88 23.31
C ALA A 52 -3.89 9.23 22.63
N GLN A 53 -2.65 9.70 22.61
CA GLN A 53 -2.29 10.88 21.87
C GLN A 53 -1.72 10.55 20.49
N CYS A 54 -2.20 9.46 19.87
CA CYS A 54 -2.06 9.26 18.42
C CYS A 54 -3.23 9.94 17.69
N ASN A 55 -2.91 10.62 16.58
CA ASN A 55 -3.86 11.47 15.85
C ASN A 55 -4.25 10.95 14.50
N THR A 56 -3.32 10.19 13.93
CA THR A 56 -3.31 9.88 12.51
C THR A 56 -4.52 9.08 12.04
N ILE A 57 -4.71 9.13 10.73
CA ILE A 57 -5.70 8.34 10.03
C ILE A 57 -5.17 6.91 10.06
N GLY A 58 -5.90 6.06 10.77
CA GLY A 58 -5.42 4.74 11.14
C GLY A 58 -5.73 4.57 12.62
N CYS A 59 -5.23 5.49 13.44
CA CYS A 59 -5.34 5.37 14.90
C CYS A 59 -6.77 5.58 15.35
N LYS A 60 -7.57 6.16 14.46
CA LYS A 60 -8.86 6.70 14.83
C LYS A 60 -9.95 5.65 15.00
N THR A 61 -9.65 4.40 14.63
CA THR A 61 -10.54 3.30 14.93
C THR A 61 -9.86 2.24 15.80
N LYS A 62 -8.75 2.58 16.46
CA LYS A 62 -8.00 1.53 17.17
C LYS A 62 -8.30 1.50 18.65
N ASN A 63 -7.74 0.53 19.34
CA ASN A 63 -7.73 0.59 20.78
C ASN A 63 -6.45 1.34 21.15
N LEU A 64 -6.61 2.53 21.74
CA LEU A 64 -5.49 3.41 22.07
C LEU A 64 -5.17 3.43 23.58
N TYR A 65 -3.90 3.13 23.90
CA TYR A 65 -3.45 2.95 25.28
C TYR A 65 -3.42 4.29 26.00
N ASP A 66 -4.00 4.33 27.20
CA ASP A 66 -4.11 5.60 27.89
C ASP A 66 -3.45 5.54 29.27
N SER A 67 -2.17 5.90 29.30
CA SER A 67 -1.37 5.83 30.51
C SER A 67 -2.10 6.41 31.71
N ASN A 68 -2.79 7.54 31.50
CA ASN A 68 -3.61 8.23 32.54
C ASN A 68 -4.49 7.34 33.38
N LYS A 69 -4.89 6.18 32.84
CA LYS A 69 -5.90 5.38 33.48
C LYS A 69 -5.30 4.25 34.30
N SER A 70 -4.01 4.00 34.09
CA SER A 70 -3.35 2.84 34.68
C SER A 70 -2.47 3.31 35.78
N LYS A 71 -2.75 2.84 37.01
CA LYS A 71 -2.06 3.38 38.20
C LYS A 71 -0.62 2.87 38.25
N THR A 72 -0.32 1.81 37.48
CA THR A 72 1.02 1.23 37.48
C THR A 72 1.89 1.72 36.33
N TYR A 73 1.36 2.65 35.52
CA TYR A 73 2.12 3.41 34.49
C TYR A 73 3.36 4.12 35.04
N GLU A 74 4.50 3.90 34.42
CA GLU A 74 5.65 4.67 34.79
C GLU A 74 6.30 5.29 33.53
N LYS A 75 6.39 6.60 33.58
CA LYS A 75 6.73 7.48 32.50
C LYS A 75 8.17 7.31 32.05
N ASP A 76 8.39 7.09 30.76
CA ASP A 76 9.75 7.10 30.26
C ASP A 76 10.04 8.26 29.31
N GLY A 77 9.35 8.26 28.16
CA GLY A 77 9.39 9.42 27.26
C GLY A 77 10.50 9.49 26.23
N THR A 78 11.42 8.54 26.28
CA THR A 78 12.52 8.42 25.29
C THR A 78 11.93 8.27 23.90
N LYS A 79 12.35 9.16 23.01
CA LYS A 79 11.88 9.21 21.64
C LYS A 79 12.44 8.04 20.87
N VAL A 80 11.54 7.39 20.14
CA VAL A 80 11.89 6.25 19.32
C VAL A 80 11.44 6.55 17.90
N GLU A 81 11.99 5.78 16.96
CA GLU A 81 11.62 5.83 15.54
C GLU A 81 12.15 4.66 14.72
N GLY A 87 10.92 1.13 8.79
CA GLY A 87 11.26 2.57 8.81
C GLY A 87 10.08 3.53 8.61
N THR A 88 9.77 4.29 9.67
CA THR A 88 8.89 5.53 9.71
C THR A 88 7.67 5.50 10.69
N VAL A 89 7.84 4.73 11.76
CA VAL A 89 6.87 4.68 12.84
C VAL A 89 7.49 5.32 14.07
N SER A 90 6.75 6.23 14.71
CA SER A 90 7.32 6.94 15.83
C SER A 90 6.46 7.16 17.09
N GLY A 91 7.16 7.34 18.21
CA GLY A 91 6.55 7.51 19.54
C GLY A 91 7.55 7.78 20.68
N PHE A 92 7.16 7.31 21.86
CA PHE A 92 7.98 7.40 23.03
C PHE A 92 7.83 6.15 23.88
N PHE A 93 8.89 5.75 24.57
CA PHE A 93 8.81 4.66 25.54
C PHE A 93 7.93 4.91 26.77
N SER A 94 7.41 3.83 27.33
CA SER A 94 6.64 3.89 28.56
C SER A 94 6.86 2.61 29.31
N LYS A 95 6.71 2.64 30.63
CA LYS A 95 6.79 1.43 31.45
C LYS A 95 5.38 1.20 31.92
N ASP A 96 5.02 -0.06 32.18
CA ASP A 96 3.74 -0.45 32.79
C ASP A 96 3.76 -1.96 32.86
N ILE A 97 2.79 -2.56 33.55
CA ILE A 97 2.74 -4.01 33.56
C ILE A 97 1.97 -4.51 32.33
N VAL A 98 2.59 -5.42 31.61
CA VAL A 98 1.93 -6.10 30.52
C VAL A 98 1.40 -7.44 31.05
N THR A 99 0.17 -7.81 30.65
CA THR A 99 -0.23 -9.21 30.75
C THR A 99 -0.43 -9.83 29.36
N ILE A 100 0.31 -10.93 29.13
CA ILE A 100 0.10 -11.82 27.97
C ILE A 100 -0.13 -13.24 28.47
N ALA A 101 -1.20 -13.88 28.01
CA ALA A 101 -1.56 -15.25 28.47
C ALA A 101 -1.61 -15.34 29.98
N ASN A 102 -2.40 -14.50 30.60
CA ASN A 102 -2.40 -14.30 32.09
C ASN A 102 -1.06 -14.31 32.83
N LEU A 103 0.02 -14.10 32.09
CA LEU A 103 1.35 -13.89 32.66
C LEU A 103 1.60 -12.42 32.52
N SER A 104 1.98 -11.87 33.67
CA SER A 104 1.88 -10.51 34.00
C SER A 104 3.30 -10.10 34.26
N PHE A 105 3.72 -8.94 33.75
CA PHE A 105 5.11 -8.52 33.94
C PHE A 105 5.47 -7.02 33.76
N PRO A 106 6.49 -6.54 34.52
CA PRO A 106 6.83 -5.11 34.31
C PRO A 106 7.49 -4.99 32.96
N TYR A 107 7.07 -4.04 32.13
CA TYR A 107 7.70 -3.92 30.79
C TYR A 107 7.88 -2.51 30.23
N LYS A 108 8.90 -2.39 29.37
CA LYS A 108 9.20 -1.18 28.65
C LYS A 108 8.76 -1.36 27.17
N PHE A 109 7.61 -0.75 26.80
CA PHE A 109 7.10 -0.76 25.42
C PHE A 109 7.10 0.64 24.75
N ILE A 110 6.76 0.68 23.45
CA ILE A 110 6.55 1.94 22.74
C ILE A 110 5.09 2.37 22.61
N GLU A 111 4.75 3.55 23.12
CA GLU A 111 3.46 4.12 22.76
C GLU A 111 3.67 4.81 21.42
N VAL A 112 3.05 4.29 20.37
CA VAL A 112 3.17 4.93 19.06
C VAL A 112 2.23 6.16 18.88
N THR A 113 2.79 7.27 18.40
CA THR A 113 2.01 8.50 18.15
C THR A 113 1.79 8.74 16.67
N ASP A 114 2.55 8.02 15.83
CA ASP A 114 2.47 8.19 14.39
C ASP A 114 2.59 6.87 13.62
N THR A 115 1.60 6.61 12.77
CA THR A 115 1.43 5.31 12.08
C THR A 115 1.46 5.45 10.54
N ASN A 116 2.66 5.45 9.94
CA ASN A 116 2.83 5.53 8.47
C ASN A 116 3.70 4.42 7.90
N GLY A 117 4.51 3.82 8.78
CA GLY A 117 5.40 2.75 8.43
C GLY A 117 4.71 1.42 8.57
N PHE A 118 3.66 1.34 9.42
CA PHE A 118 2.79 0.14 9.51
C PHE A 118 1.73 0.26 8.43
N GLU A 119 1.55 1.50 7.95
CA GLU A 119 0.47 1.84 7.03
C GLU A 119 0.80 1.71 5.50
N PRO A 120 1.14 0.47 5.03
CA PRO A 120 0.50 0.16 3.77
C PRO A 120 -0.82 -0.55 4.08
N ALA A 121 -0.98 -1.03 5.33
CA ALA A 121 -2.27 -1.51 5.85
C ALA A 121 -2.30 -1.77 7.35
N TYR A 122 -2.13 -0.68 8.09
CA TYR A 122 -2.47 -0.60 9.51
C TYR A 122 -4.00 -0.44 9.61
N THR A 123 -4.52 0.45 8.76
CA THR A 123 -5.95 0.74 8.67
C THR A 123 -6.74 -0.46 8.21
N LEU A 124 -6.18 -1.19 7.26
CA LEU A 124 -6.88 -2.36 6.78
C LEU A 124 -6.86 -3.57 7.74
N GLY A 125 -5.80 -3.68 8.55
CA GLY A 125 -5.70 -4.77 9.49
C GLY A 125 -6.49 -4.64 10.79
N GLN A 126 -6.86 -5.79 11.34
CA GLN A 126 -7.63 -5.73 12.58
C GLN A 126 -6.78 -5.90 13.81
N PHE A 127 -5.71 -5.11 13.87
CA PHE A 127 -4.82 -5.15 15.03
C PHE A 127 -4.56 -3.77 15.61
N ASP A 128 -4.22 -3.73 16.88
CA ASP A 128 -3.84 -2.44 17.44
C ASP A 128 -2.33 -2.24 17.39
N GLY A 129 -1.63 -3.32 17.71
CA GLY A 129 -0.20 -3.25 17.86
C GLY A 129 0.51 -4.55 17.56
N ILE A 130 1.80 -4.53 17.87
CA ILE A 130 2.66 -5.63 17.56
C ILE A 130 3.41 -6.00 18.83
N VAL A 131 3.45 -7.28 19.21
CA VAL A 131 4.39 -7.69 20.25
C VAL A 131 5.57 -8.38 19.61
N GLY A 132 6.76 -7.83 19.78
CA GLY A 132 7.92 -8.39 19.07
C GLY A 132 8.36 -9.62 19.81
N LEU A 133 8.81 -10.64 19.12
CA LEU A 133 9.31 -11.87 19.74
C LEU A 133 10.75 -12.21 19.34
N GLY A 134 11.54 -11.18 19.05
CA GLY A 134 12.91 -11.35 18.60
C GLY A 134 13.95 -11.35 19.69
N TRP A 135 15.16 -10.90 19.33
CA TRP A 135 16.28 -10.93 20.26
C TRP A 135 16.58 -9.53 20.76
N LYS A 136 17.20 -9.42 21.92
CA LYS A 136 17.37 -8.11 22.49
C LYS A 136 18.06 -7.19 21.46
N ASP A 137 18.98 -7.73 20.67
CA ASP A 137 19.81 -6.85 19.81
C ASP A 137 19.06 -6.34 18.60
N LEU A 138 17.86 -6.86 18.41
CA LEU A 138 16.97 -6.41 17.39
C LEU A 138 16.14 -5.30 17.98
N SER A 139 16.14 -5.16 19.30
CA SER A 139 15.24 -4.19 19.92
C SER A 139 15.74 -2.75 19.79
N ILE A 140 14.82 -1.79 19.64
CA ILE A 140 15.17 -0.39 19.94
C ILE A 140 15.13 -0.29 21.46
N GLY A 141 16.15 0.31 22.08
CA GLY A 141 16.11 0.65 23.52
C GLY A 141 16.64 -0.48 24.40
N SER A 142 17.18 -1.49 23.72
CA SER A 142 17.72 -2.72 24.35
C SER A 142 16.82 -3.32 25.45
N VAL A 143 15.70 -3.86 24.99
CA VAL A 143 14.76 -4.45 25.90
C VAL A 143 14.92 -5.96 25.91
N ASP A 144 15.18 -6.55 27.08
CA ASP A 144 15.08 -8.03 27.20
C ASP A 144 13.77 -8.45 26.60
N PRO A 145 13.77 -9.52 25.82
CA PRO A 145 12.56 -10.00 25.15
C PRO A 145 11.57 -10.47 26.18
N VAL A 146 10.27 -10.46 25.88
CA VAL A 146 9.25 -10.80 26.88
C VAL A 146 9.50 -12.21 27.43
N VAL A 147 9.86 -13.14 26.56
CA VAL A 147 10.03 -14.53 27.08
C VAL A 147 11.26 -14.64 28.01
N VAL A 148 12.31 -13.85 27.76
CA VAL A 148 13.51 -13.84 28.58
C VAL A 148 13.08 -13.29 29.97
N GLU A 149 12.58 -12.06 30.07
CA GLU A 149 11.99 -11.57 31.31
C GLU A 149 11.38 -12.67 32.13
N LEU A 150 10.40 -13.36 31.50
CA LEU A 150 9.51 -14.24 32.21
C LEU A 150 10.28 -15.42 32.80
N LYS A 151 11.22 -15.97 32.05
CA LYS A 151 12.14 -16.96 32.59
C LYS A 151 13.04 -16.47 33.73
N ASN A 152 13.59 -15.25 33.58
CA ASN A 152 14.38 -14.64 34.66
C ASN A 152 13.56 -14.48 35.91
N GLN A 153 12.29 -14.17 35.70
CA GLN A 153 11.47 -13.82 36.82
C GLN A 153 10.83 -15.06 37.46
N ASN A 154 11.20 -16.23 36.94
CA ASN A 154 10.71 -17.52 37.42
C ASN A 154 9.22 -17.81 37.09
N LYS A 155 8.66 -17.00 36.21
CA LYS A 155 7.25 -17.00 35.94
C LYS A 155 6.87 -18.12 34.98
N ILE A 156 7.83 -18.54 34.17
CA ILE A 156 7.65 -19.74 33.31
C ILE A 156 8.84 -20.66 33.51
N GLU A 157 8.83 -21.79 32.80
CA GLU A 157 9.87 -22.80 33.00
C GLU A 157 11.07 -22.87 32.05
N GLN A 158 10.91 -22.47 30.78
CA GLN A 158 12.03 -22.27 29.83
C GLN A 158 11.89 -21.01 28.99
N ALA A 159 12.96 -20.35 28.65
CA ALA A 159 12.81 -19.29 27.63
C ALA A 159 12.55 -19.91 26.26
N VAL A 160 11.31 -20.32 26.06
CA VAL A 160 10.92 -21.00 24.84
C VAL A 160 9.47 -20.62 24.48
N PHE A 161 9.22 -20.43 23.18
CA PHE A 161 7.88 -20.26 22.68
C PHE A 161 7.66 -21.01 21.32
N THR A 162 6.39 -21.28 20.97
CA THR A 162 6.11 -22.08 19.82
C THR A 162 4.95 -21.44 19.15
N PHE A 163 4.76 -21.70 17.84
CA PHE A 163 3.63 -21.19 17.08
C PHE A 163 2.92 -22.29 16.45
N TYR A 164 1.61 -22.38 16.67
CA TYR A 164 0.82 -23.26 15.81
C TYR A 164 -0.13 -22.43 15.02
N LEU A 165 -0.01 -22.55 13.69
CA LEU A 165 -0.89 -21.79 12.81
C LEU A 165 -1.86 -22.72 12.08
N PRO A 166 -3.15 -22.39 12.17
CA PRO A 166 -4.15 -23.26 11.60
C PRO A 166 -4.08 -23.14 10.08
N PHE A 167 -4.17 -24.27 9.39
CA PHE A 167 -3.97 -24.22 7.94
C PHE A 167 -5.19 -23.61 7.20
N ASP A 168 -6.19 -23.09 7.95
CA ASP A 168 -7.29 -22.28 7.37
C ASP A 168 -8.01 -21.41 8.38
N ASP A 169 -9.01 -20.64 7.92
CA ASP A 169 -9.86 -19.73 8.74
C ASP A 169 -10.66 -20.41 9.88
N LYS A 170 -11.09 -21.66 9.67
CA LYS A 170 -12.11 -22.29 10.54
C LYS A 170 -11.56 -22.74 11.90
N HIS A 171 -10.27 -22.44 12.13
CA HIS A 171 -9.57 -22.89 13.31
C HIS A 171 -8.71 -21.80 13.97
N LYS A 172 -8.60 -21.88 15.29
CA LYS A 172 -7.73 -21.02 16.06
C LYS A 172 -6.27 -21.44 15.99
N GLY A 173 -5.37 -20.46 16.10
CA GLY A 173 -3.93 -20.70 16.11
C GLY A 173 -3.46 -20.42 17.52
N TYR A 174 -2.21 -20.78 17.82
CA TYR A 174 -1.76 -20.55 19.18
C TYR A 174 -0.34 -20.16 19.29
N LEU A 175 -0.08 -19.16 20.14
CA LEU A 175 1.24 -18.90 20.60
C LEU A 175 1.34 -19.40 21.99
N THR A 176 2.22 -20.39 22.16
CA THR A 176 2.36 -21.01 23.47
C THR A 176 3.73 -20.65 23.97
N ILE A 177 3.74 -20.23 25.23
CA ILE A 177 4.87 -19.66 25.95
C ILE A 177 5.27 -20.55 27.13
N GLY A 178 6.57 -20.76 27.32
CA GLY A 178 7.00 -21.58 28.48
C GLY A 178 7.11 -23.09 28.33
N GLY A 179 6.68 -23.68 27.21
CA GLY A 179 6.71 -25.16 27.02
C GLY A 179 6.45 -25.55 25.56
N ILE A 180 7.00 -26.69 25.16
CA ILE A 180 6.72 -27.25 23.85
C ILE A 180 5.62 -28.32 24.06
N GLU A 181 4.44 -28.15 23.46
CA GLU A 181 3.32 -29.05 23.76
C GLU A 181 3.13 -30.13 22.71
N ASP A 182 2.82 -31.37 23.15
CA ASP A 182 2.60 -32.52 22.28
C ASP A 182 1.51 -32.25 21.26
N ARG A 183 0.35 -31.77 21.74
CA ARG A 183 -0.83 -31.55 20.90
C ARG A 183 -0.62 -30.93 19.47
N PHE A 184 0.55 -30.30 19.18
CA PHE A 184 0.67 -29.45 17.97
C PHE A 184 1.37 -30.06 16.79
N TYR A 185 1.89 -31.28 16.96
CA TYR A 185 2.79 -31.77 15.94
C TYR A 185 2.93 -33.28 15.91
N GLU A 186 3.53 -33.76 14.82
CA GLU A 186 3.72 -35.15 14.53
C GLU A 186 5.21 -35.39 14.42
N GLY A 187 5.66 -36.60 14.69
CA GLY A 187 7.04 -36.92 14.51
C GLY A 187 7.98 -36.18 15.46
N GLN A 188 9.25 -36.21 15.07
CA GLN A 188 10.33 -35.55 15.75
C GLN A 188 10.39 -34.10 15.33
N LEU A 189 10.82 -33.29 16.30
CA LEU A 189 11.30 -31.94 16.14
C LEU A 189 12.72 -31.99 15.59
N THR A 190 13.06 -31.06 14.70
CA THR A 190 14.37 -30.97 14.10
C THR A 190 14.87 -29.54 14.35
N TYR A 191 16.12 -29.36 14.74
CA TYR A 191 16.56 -28.06 15.23
C TYR A 191 17.63 -27.43 14.37
N GLU A 192 17.50 -26.15 14.10
CA GLU A 192 18.62 -25.41 13.50
C GLU A 192 19.16 -24.31 14.45
N LYS A 193 20.48 -24.22 14.56
CA LYS A 193 21.12 -23.20 15.41
C LYS A 193 21.06 -21.83 14.72
N LEU A 194 20.85 -20.73 15.45
CA LEU A 194 20.85 -19.41 14.80
C LEU A 194 22.22 -19.00 14.36
N ASN A 195 22.36 -18.50 13.12
CA ASN A 195 23.64 -17.91 12.69
C ASN A 195 23.98 -16.63 13.40
N HIS A 196 22.96 -15.95 13.96
CA HIS A 196 23.09 -14.70 14.72
C HIS A 196 21.90 -14.57 15.66
N ASP A 197 22.12 -13.96 16.81
CA ASP A 197 21.10 -13.69 17.84
C ASP A 197 20.45 -12.29 17.66
N LEU A 198 19.39 -12.26 16.86
CA LEU A 198 18.90 -11.03 16.22
C LEU A 198 17.46 -11.34 15.80
N TYR A 199 17.35 -11.79 14.54
CA TYR A 199 16.15 -12.43 14.13
C TYR A 199 16.28 -13.89 14.58
N TRP A 200 15.23 -14.67 14.40
CA TRP A 200 15.35 -16.10 14.43
C TRP A 200 15.84 -16.55 13.02
N GLN A 201 17.18 -16.41 12.86
CA GLN A 201 17.85 -16.61 11.60
C GLN A 201 18.82 -17.79 11.56
N VAL A 202 18.97 -18.38 10.37
CA VAL A 202 19.37 -19.74 10.24
C VAL A 202 19.97 -19.89 8.83
N ASP A 203 21.09 -20.62 8.70
CA ASP A 203 21.65 -21.01 7.38
C ASP A 203 20.93 -22.13 6.65
N LEU A 204 20.37 -21.89 5.47
CA LEU A 204 19.79 -22.98 4.69
C LEU A 204 20.31 -22.93 3.29
N ASP A 205 20.55 -24.13 2.71
CA ASP A 205 20.76 -24.24 1.30
C ASP A 205 19.39 -24.34 0.65
N LEU A 206 19.15 -23.62 -0.43
CA LEU A 206 17.82 -23.56 -0.98
C LEU A 206 17.84 -24.05 -2.38
N HIS A 207 16.69 -24.57 -2.81
CA HIS A 207 16.51 -25.13 -4.14
C HIS A 207 15.05 -24.77 -4.44
N PHE A 208 14.92 -23.76 -5.29
CA PHE A 208 13.66 -23.29 -5.87
C PHE A 208 13.69 -23.63 -7.40
N GLY A 209 13.04 -24.70 -7.78
CA GLY A 209 13.11 -25.10 -9.17
C GLY A 209 14.54 -25.24 -9.63
N ASN A 210 14.94 -24.40 -10.59
CA ASN A 210 16.22 -24.47 -11.19
C ASN A 210 17.32 -23.73 -10.42
N LEU A 211 16.91 -22.90 -9.45
CA LEU A 211 17.80 -22.03 -8.73
C LEU A 211 18.26 -22.65 -7.44
N THR A 212 19.56 -22.64 -7.19
CA THR A 212 20.00 -23.11 -5.87
C THR A 212 20.79 -21.98 -5.25
N VAL A 213 21.00 -22.01 -3.97
CA VAL A 213 21.71 -20.96 -3.35
C VAL A 213 22.29 -21.56 -2.11
N GLU A 214 23.59 -21.39 -1.96
CA GLU A 214 24.25 -22.01 -0.87
C GLU A 214 24.36 -21.11 0.36
N LYS A 215 23.89 -21.63 1.48
CA LYS A 215 24.04 -20.95 2.76
C LYS A 215 23.39 -19.55 2.76
N ALA A 216 22.11 -19.52 2.43
CA ALA A 216 21.26 -18.35 2.40
C ALA A 216 20.90 -18.11 3.83
N THR A 217 20.42 -16.94 4.20
CA THR A 217 19.94 -16.92 5.57
C THR A 217 18.45 -16.76 5.60
N ALA A 218 17.83 -17.44 6.55
CA ALA A 218 16.41 -17.62 6.54
C ALA A 218 15.78 -17.09 7.85
N ILE A 219 14.93 -16.09 7.73
CA ILE A 219 14.40 -15.51 8.91
C ILE A 219 13.08 -16.15 9.11
N VAL A 220 12.87 -16.73 10.29
CA VAL A 220 11.60 -17.38 10.57
C VAL A 220 10.68 -16.36 11.18
N ASP A 221 9.59 -16.03 10.52
CA ASP A 221 8.88 -14.74 10.79
C ASP A 221 7.36 -14.86 10.82
N SER A 222 6.84 -14.88 12.05
CA SER A 222 5.45 -15.02 12.25
C SER A 222 4.67 -13.77 11.81
N GLY A 223 5.31 -12.64 11.68
CA GLY A 223 4.53 -11.48 11.24
C GLY A 223 4.47 -11.23 9.73
N THR A 224 5.15 -12.03 8.91
CA THR A 224 5.02 -11.95 7.43
C THR A 224 4.00 -12.97 6.95
N SER A 225 3.22 -12.61 5.96
CA SER A 225 2.22 -13.55 5.46
C SER A 225 2.78 -14.29 4.30
N SER A 226 3.99 -14.00 3.90
CA SER A 226 4.50 -14.81 2.78
C SER A 226 5.91 -15.37 2.93
N ILE A 227 6.31 -16.23 2.02
CA ILE A 227 7.74 -16.45 1.76
C ILE A 227 8.31 -15.15 1.05
N THR A 228 9.54 -14.72 1.36
CA THR A 228 10.15 -13.59 0.61
C THR A 228 11.49 -14.02 0.07
N ALA A 229 11.87 -13.49 -1.09
CA ALA A 229 13.13 -13.76 -1.77
C ALA A 229 13.61 -12.46 -2.36
N PRO A 230 14.91 -12.30 -2.58
CA PRO A 230 15.23 -11.00 -3.20
C PRO A 230 14.62 -10.97 -4.64
N THR A 231 14.57 -9.76 -5.18
CA THR A 231 13.76 -9.46 -6.31
C THR A 231 14.18 -10.22 -7.53
N GLU A 232 15.43 -10.03 -7.94
CA GLU A 232 15.87 -10.66 -9.20
C GLU A 232 15.65 -12.16 -9.07
N PHE A 233 16.10 -12.74 -7.98
CA PHE A 233 15.97 -14.17 -7.79
C PHE A 233 14.54 -14.64 -7.90
N LEU A 234 13.65 -13.88 -7.29
CA LEU A 234 12.21 -14.21 -7.38
C LEU A 234 11.66 -14.12 -8.83
N ASN A 235 12.05 -13.10 -9.61
CA ASN A 235 11.47 -12.89 -10.91
C ASN A 235 12.00 -13.98 -11.75
N LYS A 236 13.27 -14.36 -11.57
CA LYS A 236 13.76 -15.56 -12.21
C LYS A 236 13.05 -16.87 -11.76
N PHE A 237 12.88 -17.11 -10.47
CA PHE A 237 12.09 -18.26 -10.08
C PHE A 237 10.77 -18.35 -10.86
N PHE A 238 10.10 -17.20 -10.99
CA PHE A 238 8.75 -17.16 -11.59
C PHE A 238 8.72 -17.29 -13.09
N GLU A 239 9.83 -17.03 -13.79
CA GLU A 239 9.84 -17.13 -15.27
C GLU A 239 9.48 -18.51 -15.78
N GLY A 240 8.69 -18.55 -16.85
CA GLY A 240 8.18 -19.79 -17.35
C GLY A 240 7.35 -20.56 -16.29
N LEU A 241 6.99 -19.98 -15.13
CA LEU A 241 6.05 -20.78 -14.34
C LEU A 241 4.59 -20.51 -14.57
N ASP A 242 4.25 -19.56 -15.44
CA ASP A 242 2.86 -19.14 -15.69
C ASP A 242 2.29 -18.43 -14.51
N VAL A 243 3.07 -17.58 -13.90
CA VAL A 243 2.67 -16.80 -12.77
C VAL A 243 2.65 -15.33 -13.25
N VAL A 244 1.58 -14.57 -12.95
CA VAL A 244 1.60 -13.21 -13.45
C VAL A 244 1.44 -12.20 -12.32
N LYS A 245 2.08 -11.05 -12.50
CA LYS A 245 2.15 -10.05 -11.49
C LYS A 245 1.07 -9.07 -11.82
N ILE A 246 0.43 -8.51 -10.80
CA ILE A 246 -0.46 -7.45 -11.10
C ILE A 246 0.29 -6.15 -11.19
N PRO A 247 0.11 -5.42 -12.30
CA PRO A 247 0.76 -4.08 -12.24
C PRO A 247 0.54 -3.50 -10.88
N PHE A 248 1.61 -2.96 -10.29
CA PHE A 248 1.51 -2.05 -9.17
C PHE A 248 1.23 -2.57 -7.79
N LEU A 249 1.04 -3.87 -7.65
CA LEU A 249 0.86 -4.54 -6.38
C LEU A 249 1.84 -5.71 -6.20
N PRO A 250 1.97 -6.21 -4.94
CA PRO A 250 2.77 -7.40 -4.64
C PRO A 250 1.85 -8.63 -4.68
N LEU A 251 1.38 -8.90 -5.89
CA LEU A 251 0.42 -9.99 -6.06
C LEU A 251 0.76 -10.76 -7.36
N TYR A 252 0.68 -12.06 -7.24
CA TYR A 252 1.14 -12.96 -8.26
C TYR A 252 0.08 -14.00 -8.35
N ILE A 253 -0.47 -14.17 -9.54
CA ILE A 253 -1.56 -15.07 -9.70
C ILE A 253 -1.28 -16.17 -10.72
N THR A 254 -1.65 -17.39 -10.35
CA THR A 254 -1.48 -18.55 -11.24
C THR A 254 -2.71 -19.45 -11.19
N THR A 255 -2.82 -20.43 -12.08
CA THR A 255 -3.93 -21.40 -11.97
C THR A 255 -3.60 -22.35 -10.80
N CYS A 256 -4.59 -22.68 -9.99
CA CYS A 256 -4.34 -23.47 -8.75
C CYS A 256 -3.68 -24.83 -8.93
N ASN A 257 -4.14 -25.63 -9.88
CA ASN A 257 -3.34 -26.83 -10.20
C ASN A 257 -2.43 -26.59 -11.35
N ASN A 258 -1.59 -25.61 -11.20
CA ASN A 258 -0.62 -25.32 -12.20
C ASN A 258 0.41 -26.41 -11.99
N PRO A 259 0.55 -27.33 -12.95
CA PRO A 259 1.44 -28.48 -12.70
C PRO A 259 2.95 -28.12 -12.73
N LYS A 260 3.32 -26.86 -13.03
CA LYS A 260 4.73 -26.60 -13.26
C LYS A 260 5.40 -26.08 -11.99
N LEU A 261 4.56 -25.77 -11.02
CA LEU A 261 4.97 -25.28 -9.73
C LEU A 261 5.77 -26.34 -8.96
N PRO A 262 7.04 -26.05 -8.64
CA PRO A 262 7.96 -26.96 -7.91
C PRO A 262 7.85 -26.77 -6.41
N THR A 263 8.22 -27.81 -5.68
CA THR A 263 8.29 -27.78 -4.29
C THR A 263 9.59 -27.12 -3.91
N LEU A 264 9.42 -26.11 -3.06
CA LEU A 264 10.51 -25.51 -2.37
C LEU A 264 11.19 -26.53 -1.45
N GLU A 265 12.51 -26.40 -1.45
CA GLU A 265 13.44 -27.19 -0.71
C GLU A 265 14.47 -26.37 0.09
N PHE A 266 14.61 -26.75 1.36
CA PHE A 266 15.55 -26.08 2.29
C PHE A 266 16.34 -27.10 3.07
N ARG A 267 17.64 -26.94 3.03
CA ARG A 267 18.51 -27.92 3.61
C ARG A 267 19.51 -27.39 4.60
N SER A 268 19.60 -28.09 5.72
CA SER A 268 20.73 -27.87 6.58
C SER A 268 21.73 -29.02 6.51
N ALA A 269 22.70 -28.98 7.41
CA ALA A 269 23.75 -29.97 7.50
C ALA A 269 23.12 -31.34 7.65
N THR A 270 22.06 -31.40 8.44
CA THR A 270 21.50 -32.68 8.88
C THR A 270 20.02 -32.90 8.52
N ASN A 271 19.27 -31.83 8.22
CA ASN A 271 17.84 -31.97 7.93
C ASN A 271 17.40 -31.43 6.57
N VAL A 272 16.20 -31.83 6.15
CA VAL A 272 15.60 -31.27 4.98
C VAL A 272 14.15 -30.92 5.27
N TYR A 273 13.74 -29.74 4.82
CA TYR A 273 12.37 -29.24 4.82
C TYR A 273 11.89 -28.91 3.40
N THR A 274 10.63 -29.19 3.18
CA THR A 274 10.02 -28.82 1.93
C THR A 274 8.76 -27.96 2.13
N LEU A 275 8.39 -27.31 1.05
CA LEU A 275 7.14 -26.59 1.02
C LEU A 275 6.51 -26.73 -0.40
N GLU A 276 5.56 -27.66 -0.48
CA GLU A 276 4.80 -27.87 -1.69
C GLU A 276 3.87 -26.68 -2.04
N PRO A 277 3.46 -26.57 -3.32
CA PRO A 277 2.61 -25.51 -3.86
C PRO A 277 1.41 -25.32 -2.99
N GLU A 278 0.83 -26.43 -2.52
CA GLU A 278 -0.42 -26.38 -1.79
C GLU A 278 -0.25 -25.55 -0.54
N TYR A 279 0.97 -25.45 -0.02
CA TYR A 279 1.22 -24.53 1.11
C TYR A 279 1.52 -23.07 0.71
N TYR A 280 1.99 -22.82 -0.51
CA TYR A 280 2.33 -21.45 -0.89
C TYR A 280 1.35 -20.77 -1.83
N LEU A 281 0.21 -21.42 -2.03
CA LEU A 281 -0.84 -20.94 -2.88
C LEU A 281 -2.11 -20.76 -2.06
N GLN A 282 -2.76 -19.62 -2.24
CA GLN A 282 -4.04 -19.32 -1.55
C GLN A 282 -5.07 -19.09 -2.65
N GLN A 283 -6.25 -19.72 -2.55
CA GLN A 283 -7.19 -19.76 -3.71
C GLN A 283 -7.71 -18.34 -3.68
N ILE A 284 -8.06 -17.80 -4.86
CA ILE A 284 -8.50 -16.39 -4.93
C ILE A 284 -9.73 -16.06 -5.79
N PHE A 285 -9.96 -16.92 -6.79
CA PHE A 285 -11.04 -16.83 -7.74
C PHE A 285 -11.43 -18.25 -8.09
N ASP A 286 -12.69 -18.39 -8.49
CA ASP A 286 -13.18 -19.71 -8.85
C ASP A 286 -14.25 -19.69 -9.89
N PHE A 287 -14.67 -18.54 -10.35
CA PHE A 287 -15.74 -18.57 -11.32
C PHE A 287 -15.17 -19.13 -12.66
N GLY A 288 -15.53 -20.37 -13.00
CA GLY A 288 -15.11 -21.01 -14.26
C GLY A 288 -13.90 -21.91 -14.10
N ILE A 289 -12.73 -21.30 -13.90
CA ILE A 289 -11.55 -22.02 -13.44
C ILE A 289 -11.12 -21.61 -11.98
N SER A 290 -10.21 -22.37 -11.37
CA SER A 290 -9.78 -22.04 -10.05
C SER A 290 -8.44 -21.34 -10.03
N LEU A 291 -8.44 -20.16 -9.46
CA LEU A 291 -7.28 -19.29 -9.49
C LEU A 291 -6.66 -19.02 -8.13
N CYS A 292 -5.35 -18.87 -8.09
CA CYS A 292 -4.65 -18.70 -6.83
C CYS A 292 -3.68 -17.51 -6.85
N MET A 293 -3.46 -17.00 -5.63
CA MET A 293 -2.42 -16.07 -5.35
C MET A 293 -1.24 -16.85 -4.77
N VAL A 294 -0.04 -16.51 -5.23
CA VAL A 294 1.15 -17.13 -4.69
C VAL A 294 1.82 -16.37 -3.58
N SER A 295 2.01 -17.08 -2.46
CA SER A 295 2.48 -16.43 -1.23
C SER A 295 3.97 -16.34 -1.19
N ILE A 296 4.54 -16.02 -2.35
CA ILE A 296 5.96 -15.77 -2.46
C ILE A 296 6.10 -14.36 -3.04
N ILE A 297 6.79 -13.47 -2.35
CA ILE A 297 6.86 -12.11 -2.86
C ILE A 297 8.26 -11.58 -2.75
N PRO A 298 8.61 -10.53 -3.53
CA PRO A 298 9.98 -10.00 -3.49
C PRO A 298 10.23 -8.91 -2.41
N VAL A 299 11.31 -9.11 -1.66
CA VAL A 299 11.73 -8.19 -0.63
C VAL A 299 13.28 -8.23 -0.64
N ASP A 300 13.90 -7.06 -0.64
CA ASP A 300 15.35 -7.00 -0.64
C ASP A 300 15.86 -6.62 0.76
N LEU A 301 16.32 -7.62 1.50
CA LEU A 301 17.13 -7.42 2.67
C LEU A 301 18.64 -7.66 2.32
N ASN A 302 19.47 -7.94 3.31
CA ASN A 302 20.82 -8.47 3.12
C ASN A 302 20.92 -9.59 2.09
N LYS A 303 22.11 -9.77 1.57
CA LYS A 303 22.32 -10.39 0.24
C LYS A 303 21.63 -11.74 -0.09
N ASN A 304 21.70 -12.68 0.83
CA ASN A 304 20.99 -13.95 0.56
C ASN A 304 20.00 -14.24 1.63
N THR A 305 19.18 -13.26 1.98
CA THR A 305 18.29 -13.39 3.10
C THR A 305 16.87 -13.58 2.61
N PHE A 306 16.24 -14.64 3.05
CA PHE A 306 14.90 -14.97 2.65
C PHE A 306 14.06 -15.01 3.95
N ILE A 307 12.80 -14.57 3.90
CA ILE A 307 11.86 -14.78 5.02
C ILE A 307 10.93 -15.93 4.84
N LEU A 308 10.88 -16.75 5.87
CA LEU A 308 10.00 -17.89 5.96
C LEU A 308 8.81 -17.50 6.80
N GLY A 309 7.76 -17.02 6.13
CA GLY A 309 6.64 -16.41 6.80
C GLY A 309 5.58 -17.48 7.08
N ASP A 310 4.39 -17.02 7.43
CA ASP A 310 3.22 -17.88 7.60
C ASP A 310 3.03 -19.03 6.66
N PRO A 311 3.41 -18.88 5.36
CA PRO A 311 3.15 -20.08 4.51
C PRO A 311 3.97 -21.24 4.99
N PHE A 312 5.22 -20.99 5.37
CA PHE A 312 6.08 -22.06 5.85
C PHE A 312 5.61 -22.60 7.20
N MET A 313 5.17 -21.71 8.08
CA MET A 313 4.82 -22.03 9.47
C MET A 313 3.48 -22.74 9.58
N ARG A 314 2.75 -22.74 8.47
CA ARG A 314 1.51 -23.44 8.44
C ARG A 314 1.86 -24.88 8.22
N LYS A 315 2.92 -25.18 7.50
CA LYS A 315 3.23 -26.64 7.35
C LYS A 315 3.91 -27.10 8.62
N TYR A 316 4.87 -26.31 9.09
CA TYR A 316 5.79 -26.66 10.13
C TYR A 316 5.44 -25.93 11.40
N PHE A 317 5.26 -26.68 12.47
CA PHE A 317 5.09 -26.14 13.76
C PHE A 317 6.49 -25.69 14.16
N THR A 318 6.60 -24.56 14.87
CA THR A 318 7.91 -23.95 15.12
C THR A 318 8.13 -23.70 16.61
N VAL A 319 9.39 -23.83 17.02
CA VAL A 319 9.77 -23.73 18.40
C VAL A 319 10.93 -22.78 18.44
N PHE A 320 10.81 -21.75 19.29
CA PHE A 320 11.84 -20.74 19.35
C PHE A 320 12.48 -20.76 20.71
N ASP A 321 13.77 -21.05 20.75
CA ASP A 321 14.43 -21.37 22.01
C ASP A 321 15.63 -20.44 22.27
N TYR A 322 15.46 -19.56 23.29
CA TYR A 322 16.52 -18.60 23.67
C TYR A 322 17.66 -19.33 24.32
N ASP A 323 17.30 -20.30 25.15
CA ASP A 323 18.27 -21.02 25.98
C ASP A 323 19.31 -21.73 25.16
N ASN A 324 18.83 -22.35 24.10
CA ASN A 324 19.64 -23.13 23.26
C ASN A 324 19.84 -22.49 21.90
N HIS A 325 19.55 -21.18 21.78
CA HIS A 325 19.74 -20.44 20.50
C HIS A 325 19.42 -21.34 19.31
N THR A 326 18.25 -21.97 19.34
CA THR A 326 17.77 -22.70 18.15
C THR A 326 16.31 -22.35 17.74
N VAL A 327 15.99 -22.69 16.49
CA VAL A 327 14.59 -22.89 16.12
C VAL A 327 14.44 -24.35 15.81
N GLY A 328 13.32 -24.90 16.25
CA GLY A 328 12.92 -26.29 15.92
C GLY A 328 11.74 -26.33 15.00
N PHE A 329 11.71 -27.37 14.15
CA PHE A 329 10.61 -27.62 13.24
C PHE A 329 10.01 -29.08 13.28
N ALA A 330 8.70 -29.21 13.05
CA ALA A 330 8.01 -30.53 13.02
C ALA A 330 6.76 -30.32 12.20
N LEU A 331 6.22 -31.37 11.63
CA LEU A 331 4.98 -31.18 10.91
C LEU A 331 3.87 -30.91 11.92
N ALA A 332 3.17 -29.79 11.70
CA ALA A 332 2.01 -29.40 12.48
C ALA A 332 0.90 -30.44 12.34
N LYS A 333 0.26 -30.85 13.43
CA LYS A 333 -0.98 -31.64 13.30
C LYS A 333 -1.95 -30.93 12.39
N LYS A 334 -2.56 -31.69 11.50
CA LYS A 334 -3.66 -31.14 10.72
C LYS A 334 -4.90 -30.88 11.61
N LYS A 335 -5.24 -31.88 12.45
CA LYS A 335 -6.33 -31.80 13.44
C LYS A 335 -5.85 -31.83 14.88
N LEU A 336 -6.14 -30.74 15.60
CA LEU A 336 -6.09 -30.77 17.08
C LEU A 336 -7.41 -31.23 17.70
N ASN B 8 -6.77 29.96 -30.02
CA ASN B 8 -7.08 28.59 -29.49
C ASN B 8 -6.00 27.52 -29.84
N ALA B 9 -4.74 28.02 -29.93
CA ALA B 9 -3.52 27.23 -30.15
C ALA B 9 -3.03 26.47 -28.92
N GLY B 10 -3.08 25.15 -28.92
CA GLY B 10 -2.74 24.37 -27.70
C GLY B 10 -1.27 24.02 -27.54
N ASP B 11 -0.89 23.53 -26.33
CA ASP B 11 0.49 23.11 -26.05
C ASP B 11 0.62 21.80 -25.23
N SER B 12 1.20 20.76 -25.75
CA SER B 12 0.93 19.46 -25.14
C SER B 12 2.07 18.76 -24.45
N VAL B 13 1.88 18.24 -23.24
CA VAL B 13 2.92 17.33 -22.76
C VAL B 13 2.43 15.96 -23.08
N THR B 14 3.29 15.14 -23.71
CA THR B 14 3.05 13.77 -23.94
C THR B 14 2.87 12.98 -22.65
N LEU B 15 1.86 12.13 -22.61
CA LEU B 15 1.67 11.33 -21.42
C LEU B 15 1.91 9.86 -21.71
N ASN B 16 2.68 9.23 -20.84
CA ASN B 16 3.09 7.87 -21.05
C ASN B 16 2.21 7.04 -20.16
N ASP B 17 1.72 5.97 -20.71
CA ASP B 17 0.65 5.20 -20.07
C ASP B 17 1.33 4.00 -19.47
N VAL B 18 1.29 3.83 -18.16
CA VAL B 18 1.68 2.52 -17.66
C VAL B 18 0.49 1.66 -17.16
N ALA B 19 0.32 0.55 -17.87
CA ALA B 19 -0.73 -0.49 -17.72
C ALA B 19 -2.18 0.00 -17.39
N ASN B 20 -2.44 1.26 -17.72
CA ASN B 20 -3.74 1.86 -17.66
C ASN B 20 -4.09 2.26 -16.26
N VAL B 21 -3.04 2.53 -15.50
CA VAL B 21 -3.21 2.68 -14.10
C VAL B 21 -2.58 3.99 -13.72
N MET B 22 -1.50 4.34 -14.39
CA MET B 22 -1.01 5.67 -14.22
C MET B 22 -0.39 6.26 -15.50
N TYR B 23 -0.59 7.54 -15.67
CA TYR B 23 -0.18 8.31 -16.85
C TYR B 23 0.80 9.26 -16.36
N TYR B 24 1.98 9.29 -16.95
CA TYR B 24 2.95 10.34 -16.57
C TYR B 24 3.57 11.09 -17.72
N GLY B 25 3.96 12.33 -17.42
CA GLY B 25 4.62 13.18 -18.33
C GLY B 25 5.82 13.77 -17.66
N GLU B 26 6.63 14.38 -18.52
CA GLU B 26 7.90 15.01 -18.20
C GLU B 26 7.74 16.51 -18.09
N ALA B 27 8.26 17.12 -17.01
CA ALA B 27 8.57 18.53 -17.07
C ALA B 27 9.96 18.87 -16.45
N GLN B 28 10.36 20.14 -16.60
CA GLN B 28 11.71 20.50 -16.16
C GLN B 28 11.76 21.66 -15.15
N ILE B 29 12.77 21.61 -14.28
CA ILE B 29 13.03 22.69 -13.39
C ILE B 29 14.51 23.07 -13.45
N GLY B 30 14.78 24.38 -13.49
CA GLY B 30 16.11 24.91 -13.41
C GLY B 30 16.56 25.39 -14.77
N ASP B 31 17.48 26.34 -14.78
CA ASP B 31 17.99 26.82 -16.05
C ASP B 31 18.68 25.67 -16.79
N ASN B 32 19.40 24.80 -16.08
CA ASN B 32 19.99 23.60 -16.71
C ASN B 32 18.90 22.55 -17.06
N LYS B 33 17.65 22.83 -16.73
CA LYS B 33 16.53 21.98 -17.12
C LYS B 33 16.60 20.50 -16.62
N GLN B 34 16.56 20.33 -15.31
CA GLN B 34 16.52 19.02 -14.74
C GLN B 34 15.17 18.43 -15.06
N LYS B 35 15.20 17.20 -15.58
CA LYS B 35 14.03 16.44 -15.97
C LYS B 35 13.49 15.61 -14.80
N PHE B 36 12.16 15.56 -14.70
CA PHE B 36 11.44 14.72 -13.73
C PHE B 36 10.19 14.17 -14.41
N ALA B 37 9.62 13.10 -13.83
CA ALA B 37 8.40 12.48 -14.31
C ALA B 37 7.31 12.97 -13.38
N PHE B 38 6.15 13.31 -13.91
CA PHE B 38 5.08 13.79 -13.05
C PHE B 38 3.79 13.12 -13.42
N ILE B 39 3.02 12.84 -12.37
CA ILE B 39 1.55 12.80 -12.45
C ILE B 39 1.05 14.26 -12.48
N PHE B 40 0.04 14.52 -13.30
CA PHE B 40 -0.60 15.85 -13.34
C PHE B 40 -1.96 15.63 -12.66
N ASP B 41 -2.21 16.30 -11.53
CA ASP B 41 -3.31 15.90 -10.61
C ASP B 41 -4.34 17.01 -10.48
N THR B 42 -5.53 16.81 -11.04
CA THR B 42 -6.50 17.91 -10.99
C THR B 42 -7.03 18.13 -9.59
N GLY B 43 -6.55 17.32 -8.66
CA GLY B 43 -7.06 17.34 -7.26
C GLY B 43 -6.31 18.24 -6.28
N SER B 44 -5.13 18.76 -6.69
CA SER B 44 -4.24 19.50 -5.78
C SER B 44 -3.68 20.67 -6.52
N ALA B 45 -3.07 21.61 -5.78
CA ALA B 45 -2.79 22.94 -6.35
C ALA B 45 -1.32 23.25 -6.57
N ASN B 46 -0.46 22.61 -5.80
CA ASN B 46 0.95 22.84 -5.96
C ASN B 46 1.64 21.89 -6.92
N LEU B 47 2.79 22.34 -7.39
CA LEU B 47 3.79 21.55 -8.01
C LEU B 47 4.75 21.18 -6.87
N TRP B 48 5.11 19.91 -6.81
CA TRP B 48 6.16 19.48 -5.95
C TRP B 48 7.09 18.42 -6.54
N VAL B 49 8.34 18.49 -6.11
CA VAL B 49 9.35 17.54 -6.53
C VAL B 49 10.18 17.09 -5.36
N PRO B 50 10.71 15.86 -5.46
CA PRO B 50 11.58 15.36 -4.44
C PRO B 50 12.92 16.08 -4.57
N SER B 51 13.39 16.56 -3.42
CA SER B 51 14.53 17.37 -3.26
C SER B 51 15.75 16.53 -3.18
N ALA B 52 16.87 17.09 -3.63
CA ALA B 52 18.16 16.47 -3.35
C ALA B 52 18.29 16.04 -1.86
N GLN B 53 17.70 16.78 -0.95
CA GLN B 53 18.00 16.41 0.42
C GLN B 53 16.89 15.60 1.08
N CYS B 54 16.06 14.96 0.26
CA CYS B 54 15.10 14.00 0.76
C CYS B 54 15.79 12.66 1.02
N ASN B 55 15.92 12.28 2.29
CA ASN B 55 16.65 11.02 2.69
C ASN B 55 15.91 9.71 2.44
N THR B 56 14.66 9.67 2.89
CA THR B 56 13.79 8.49 2.91
C THR B 56 14.01 7.45 1.81
N ILE B 57 13.52 6.24 2.10
CA ILE B 57 13.65 5.10 1.21
C ILE B 57 13.03 5.43 -0.14
N GLY B 58 11.78 5.88 -0.17
CA GLY B 58 11.17 6.27 -1.43
C GLY B 58 12.01 7.15 -2.37
N CYS B 59 12.60 8.21 -1.83
CA CYS B 59 13.45 9.12 -2.59
C CYS B 59 14.69 8.42 -3.17
N LYS B 60 15.16 7.38 -2.50
CA LYS B 60 16.27 6.53 -2.99
C LYS B 60 16.17 6.11 -4.46
N THR B 61 14.98 6.01 -5.05
CA THR B 61 14.91 5.71 -6.48
C THR B 61 14.56 6.85 -7.45
N LYS B 62 14.13 8.01 -6.94
CA LYS B 62 13.57 9.07 -7.79
C LYS B 62 14.59 10.05 -8.32
N ASN B 63 14.18 10.88 -9.28
CA ASN B 63 15.01 12.00 -9.70
C ASN B 63 14.93 13.21 -8.71
N LEU B 64 16.03 13.54 -8.05
CA LEU B 64 15.95 14.57 -6.99
C LEU B 64 16.30 15.93 -7.59
N TYR B 65 15.58 16.97 -7.18
CA TYR B 65 15.90 18.28 -7.70
C TYR B 65 17.05 18.90 -6.94
N ASP B 66 18.08 19.30 -7.66
CA ASP B 66 19.23 19.90 -6.99
C ASP B 66 19.31 21.40 -7.16
N SER B 67 18.99 22.17 -6.10
CA SER B 67 19.06 23.64 -6.17
C SER B 67 20.50 24.15 -6.45
N ASN B 68 21.50 23.46 -5.89
CA ASN B 68 22.90 23.85 -6.08
C ASN B 68 23.30 24.11 -7.53
N LYS B 69 22.63 23.43 -8.45
CA LYS B 69 23.04 23.43 -9.87
C LYS B 69 22.18 24.34 -10.73
N SER B 70 21.26 25.09 -10.11
CA SER B 70 20.38 25.93 -10.89
C SER B 70 20.74 27.37 -10.63
N LYS B 71 21.13 28.05 -11.70
CA LYS B 71 21.52 29.42 -11.60
C LYS B 71 20.33 30.36 -11.35
N THR B 72 19.11 29.85 -11.42
CA THR B 72 17.91 30.68 -11.28
C THR B 72 17.07 30.27 -10.03
N TYR B 73 17.60 29.30 -9.26
CA TYR B 73 17.04 28.93 -7.99
C TYR B 73 16.97 30.20 -7.14
N GLU B 74 16.07 30.22 -6.18
CA GLU B 74 15.97 31.36 -5.29
C GLU B 74 15.36 30.76 -4.05
N LYS B 75 16.11 30.82 -2.95
CA LYS B 75 15.71 30.20 -1.69
C LYS B 75 14.39 30.85 -1.20
N ASP B 76 13.64 30.08 -0.42
CA ASP B 76 12.49 30.55 0.21
C ASP B 76 12.56 29.93 1.58
N GLY B 77 12.45 28.59 1.65
CA GLY B 77 12.74 27.83 2.88
C GLY B 77 11.56 27.58 3.82
N THR B 78 10.42 28.15 3.47
CA THR B 78 9.18 27.94 4.21
C THR B 78 8.78 26.48 4.21
N LYS B 79 8.82 25.87 5.39
CA LYS B 79 8.32 24.51 5.57
C LYS B 79 6.82 24.42 5.27
N VAL B 80 6.39 23.32 4.63
CA VAL B 80 4.99 23.11 4.33
C VAL B 80 4.62 21.64 4.31
N GLU B 81 3.39 21.34 4.73
CA GLU B 81 2.85 19.99 4.61
C GLU B 81 1.44 19.92 4.05
N MET B 82 1.34 19.39 2.83
CA MET B 82 0.06 19.15 2.14
C MET B 82 -0.37 17.65 2.07
N ASN B 83 -1.68 17.41 2.23
CA ASN B 83 -2.24 16.05 2.26
C ASN B 83 -3.29 15.69 1.16
N TYR B 84 -3.45 14.39 0.92
CA TYR B 84 -4.40 13.87 -0.07
C TYR B 84 -5.22 12.69 0.49
N VAL B 85 -5.95 12.06 -0.45
CA VAL B 85 -6.42 10.67 -0.40
C VAL B 85 -5.17 9.77 -0.34
N SER B 86 -4.23 10.13 -1.24
CA SER B 86 -2.92 9.47 -1.46
C SER B 86 -1.99 8.97 -0.27
N GLY B 87 -1.71 9.65 0.88
CA GLY B 87 -2.24 10.92 1.46
C GLY B 87 -1.27 12.07 1.88
N THR B 88 -0.39 11.85 2.88
CA THR B 88 0.60 12.88 3.46
C THR B 88 2.02 13.11 2.80
N VAL B 89 2.50 14.38 2.75
CA VAL B 89 3.83 14.74 2.14
C VAL B 89 4.36 16.06 2.75
N SER B 90 5.67 16.16 3.04
CA SER B 90 6.27 17.40 3.62
C SER B 90 7.64 17.88 3.02
N GLY B 91 7.93 19.15 3.20
CA GLY B 91 9.14 19.75 2.67
C GLY B 91 9.06 21.27 2.67
N PHE B 92 9.53 21.90 1.62
CA PHE B 92 9.68 23.35 1.69
C PHE B 92 9.65 24.08 0.33
N PHE B 93 9.19 25.34 0.39
CA PHE B 93 9.00 26.17 -0.79
C PHE B 93 10.36 26.57 -1.37
N SER B 94 10.44 26.54 -2.69
CA SER B 94 11.57 27.05 -3.46
C SER B 94 11.02 27.64 -4.77
N LYS B 95 11.69 28.70 -5.23
CA LYS B 95 11.30 29.43 -6.45
C LYS B 95 12.38 29.05 -7.39
N ASP B 96 12.04 28.88 -8.65
CA ASP B 96 12.95 28.60 -9.76
C ASP B 96 12.12 28.69 -11.04
N ILE B 97 12.78 28.48 -12.17
CA ILE B 97 12.12 28.47 -13.44
C ILE B 97 11.68 27.04 -13.84
N VAL B 98 10.40 26.86 -14.13
CA VAL B 98 9.80 25.55 -14.40
C VAL B 98 9.44 25.49 -15.88
N THR B 99 9.67 24.39 -16.53
CA THR B 99 9.30 24.29 -17.92
C THR B 99 8.32 23.16 -18.26
N ILE B 100 7.18 23.54 -18.78
CA ILE B 100 6.17 22.56 -19.17
C ILE B 100 5.70 22.71 -20.61
N ALA B 101 5.63 21.58 -21.31
CA ALA B 101 5.31 21.55 -22.75
C ALA B 101 6.45 22.48 -23.27
N ASN B 102 6.29 23.63 -23.92
CA ASN B 102 7.59 24.31 -24.10
C ASN B 102 7.79 25.64 -23.44
N LEU B 103 7.11 25.85 -22.37
CA LEU B 103 7.00 27.15 -21.88
C LEU B 103 7.70 27.19 -20.55
N SER B 104 8.85 27.89 -20.48
CA SER B 104 9.53 28.17 -19.22
C SER B 104 8.83 29.32 -18.50
N PHE B 105 8.63 29.21 -17.18
CA PHE B 105 8.12 30.36 -16.42
C PHE B 105 8.61 30.39 -14.95
N PRO B 106 8.65 31.57 -14.28
CA PRO B 106 9.10 31.44 -12.89
C PRO B 106 8.00 30.96 -12.00
N TYR B 107 8.25 29.92 -11.20
CA TYR B 107 7.22 29.39 -10.34
C TYR B 107 7.72 29.18 -8.90
N LYS B 108 6.80 29.02 -7.97
CA LYS B 108 7.12 28.79 -6.58
C LYS B 108 6.52 27.41 -6.35
N PHE B 109 7.40 26.46 -6.06
CA PHE B 109 7.02 25.07 -5.88
C PHE B 109 7.50 24.50 -4.53
N ILE B 110 7.23 23.23 -4.26
CA ILE B 110 7.71 22.57 -3.04
C ILE B 110 8.83 21.50 -3.40
N GLU B 111 9.97 21.68 -2.77
CA GLU B 111 10.87 20.57 -2.62
C GLU B 111 10.35 19.69 -1.50
N VAL B 112 10.10 18.44 -1.82
CA VAL B 112 9.71 17.46 -0.79
C VAL B 112 10.93 16.75 -0.24
N THR B 113 10.99 16.78 1.08
CA THR B 113 11.99 16.09 1.82
C THR B 113 11.40 14.94 2.67
N ASP B 114 10.08 14.89 2.79
CA ASP B 114 9.39 13.80 3.49
C ASP B 114 8.19 13.26 2.73
N THR B 115 8.35 12.01 2.34
CA THR B 115 7.35 11.28 1.57
C THR B 115 6.77 10.08 2.32
N ASN B 116 6.72 10.12 3.65
CA ASN B 116 6.38 8.90 4.47
C ASN B 116 4.90 8.49 4.67
N GLY B 117 4.03 9.39 4.22
CA GLY B 117 2.61 9.17 4.16
C GLY B 117 2.30 9.40 2.69
N PHE B 118 3.30 9.18 1.84
CA PHE B 118 2.97 8.97 0.43
C PHE B 118 3.19 7.53 0.02
N GLU B 119 3.85 6.78 0.90
CA GLU B 119 3.96 5.36 0.77
C GLU B 119 2.58 4.77 0.99
N PRO B 120 2.31 3.61 0.34
CA PRO B 120 3.23 2.97 -0.60
C PRO B 120 2.92 3.39 -2.00
N ALA B 121 1.97 4.30 -2.13
CA ALA B 121 1.70 4.85 -3.44
C ALA B 121 3.00 5.30 -4.15
N TYR B 122 3.85 6.05 -3.45
CA TYR B 122 5.09 6.61 -4.03
C TYR B 122 6.13 5.62 -4.57
N THR B 123 6.43 4.63 -3.75
CA THR B 123 7.50 3.67 -4.05
C THR B 123 7.12 2.77 -5.22
N LEU B 124 5.86 2.31 -5.21
CA LEU B 124 5.26 1.52 -6.29
C LEU B 124 5.22 2.26 -7.64
N GLY B 125 5.04 3.58 -7.62
CA GLY B 125 4.90 4.42 -8.83
C GLY B 125 6.19 4.77 -9.57
N GLN B 126 6.06 5.07 -10.86
CA GLN B 126 7.16 5.58 -11.70
C GLN B 126 6.89 7.03 -12.04
N PHE B 127 6.56 7.83 -11.03
CA PHE B 127 6.69 9.30 -11.03
C PHE B 127 7.58 9.86 -9.91
N ASP B 128 8.17 11.03 -10.16
CA ASP B 128 8.98 11.68 -9.19
C ASP B 128 8.18 12.65 -8.33
N GLY B 129 7.38 13.50 -8.98
CA GLY B 129 6.51 14.42 -8.28
C GLY B 129 5.21 14.61 -9.02
N ILE B 130 4.51 15.67 -8.68
CA ILE B 130 3.12 15.86 -9.07
C ILE B 130 2.92 17.32 -9.51
N VAL B 131 2.40 17.56 -10.71
CA VAL B 131 1.88 18.88 -11.08
C VAL B 131 0.39 19.07 -10.73
N GLY B 132 0.11 19.92 -9.74
CA GLY B 132 -1.29 20.24 -9.37
C GLY B 132 -2.03 20.96 -10.48
N LEU B 133 -3.17 20.41 -10.87
CA LEU B 133 -3.98 21.18 -11.81
C LEU B 133 -5.28 21.56 -11.13
N GLY B 134 -5.19 21.80 -9.81
CA GLY B 134 -6.38 22.18 -9.04
C GLY B 134 -6.54 23.70 -8.87
N TRP B 135 -7.29 24.11 -7.87
CA TRP B 135 -7.64 25.53 -7.65
C TRP B 135 -6.83 25.97 -6.48
N LYS B 136 -6.44 27.22 -6.53
CA LYS B 136 -5.72 27.96 -5.51
C LYS B 136 -6.40 27.99 -4.18
N ASP B 137 -5.54 27.85 -3.20
CA ASP B 137 -5.93 28.04 -1.84
C ASP B 137 -6.07 29.55 -1.42
N LEU B 138 -6.91 29.91 -0.44
CA LEU B 138 -7.16 31.37 -0.16
C LEU B 138 -6.15 31.97 0.78
N SER B 139 -5.08 31.25 0.95
CA SER B 139 -4.08 31.53 1.93
C SER B 139 -2.97 32.44 1.42
N ILE B 140 -2.42 33.22 2.33
CA ILE B 140 -1.18 33.94 2.08
C ILE B 140 0.03 33.00 1.89
N GLY B 141 0.90 33.14 0.89
CA GLY B 141 0.59 33.43 -0.44
C GLY B 141 0.76 32.01 -1.01
N SER B 142 -0.37 31.33 -1.18
CA SER B 142 -0.39 30.16 -1.89
C SER B 142 -0.10 30.65 -3.29
N VAL B 143 0.29 29.71 -4.14
CA VAL B 143 0.62 30.01 -5.55
C VAL B 143 -0.63 29.86 -6.43
N ASP B 144 -0.68 30.59 -7.53
CA ASP B 144 -1.64 30.41 -8.58
C ASP B 144 -1.20 29.11 -9.18
N PRO B 145 -2.15 28.18 -9.51
CA PRO B 145 -1.83 26.91 -10.26
C PRO B 145 -1.15 27.18 -11.59
N VAL B 146 -0.29 26.24 -12.04
CA VAL B 146 0.59 26.46 -13.19
C VAL B 146 -0.09 27.03 -14.41
N VAL B 147 -1.30 26.53 -14.71
CA VAL B 147 -2.09 26.98 -15.86
C VAL B 147 -2.55 28.41 -15.68
N VAL B 148 -2.99 28.79 -14.46
CA VAL B 148 -3.42 30.18 -14.19
C VAL B 148 -2.21 31.09 -14.35
N GLU B 149 -1.06 30.68 -13.78
CA GLU B 149 0.19 31.49 -13.83
C GLU B 149 0.59 31.75 -15.25
N LEU B 150 0.54 30.69 -16.06
CA LEU B 150 0.85 30.80 -17.45
C LEU B 150 0.00 31.90 -18.10
N LYS B 151 -1.31 31.86 -17.83
CA LYS B 151 -2.21 32.88 -18.34
C LYS B 151 -1.77 34.18 -17.84
N ASN B 152 -1.47 34.32 -16.53
CA ASN B 152 -1.12 35.61 -15.97
C ASN B 152 0.17 36.17 -16.61
N GLN B 153 1.14 35.30 -16.87
CA GLN B 153 2.40 35.73 -17.51
C GLN B 153 2.25 35.99 -19.01
N ASN B 154 1.05 35.77 -19.51
CA ASN B 154 0.69 35.98 -20.89
C ASN B 154 1.42 34.98 -21.82
N LYS B 155 1.55 33.74 -21.37
CA LYS B 155 2.20 32.74 -22.15
C LYS B 155 1.16 31.82 -22.85
N ILE B 156 -0.10 31.80 -22.38
CA ILE B 156 -1.20 31.09 -23.09
C ILE B 156 -2.35 32.07 -23.14
N GLU B 157 -3.33 31.93 -24.03
CA GLU B 157 -4.33 33.02 -23.98
C GLU B 157 -5.58 32.70 -23.16
N GLN B 158 -5.72 31.44 -22.77
CA GLN B 158 -6.86 31.02 -22.03
C GLN B 158 -6.41 30.12 -20.91
N ALA B 159 -6.95 30.31 -19.73
CA ALA B 159 -6.62 29.43 -18.63
C ALA B 159 -7.50 28.20 -18.71
N VAL B 160 -7.06 27.30 -19.59
CA VAL B 160 -7.74 26.10 -19.92
C VAL B 160 -6.73 24.94 -20.23
N PHE B 161 -7.13 23.71 -19.88
CA PHE B 161 -6.29 22.52 -20.13
C PHE B 161 -7.16 21.34 -20.37
N THR B 162 -6.69 20.47 -21.23
CA THR B 162 -7.49 19.30 -21.56
C THR B 162 -6.76 17.98 -21.35
N PHE B 163 -7.52 16.88 -21.16
CA PHE B 163 -6.94 15.59 -21.19
C PHE B 163 -7.48 14.67 -22.26
N TYR B 164 -6.53 14.01 -22.95
CA TYR B 164 -6.82 12.91 -23.77
C TYR B 164 -6.00 11.70 -23.29
N LEU B 165 -6.70 10.63 -22.92
CA LEU B 165 -6.06 9.39 -22.52
C LEU B 165 -6.44 8.32 -23.50
N PRO B 166 -5.41 7.57 -23.99
CA PRO B 166 -5.68 6.60 -25.07
C PRO B 166 -6.31 5.43 -24.37
N PHE B 167 -7.25 4.78 -25.08
CA PHE B 167 -7.91 3.53 -24.68
C PHE B 167 -6.98 2.53 -23.98
N ASP B 168 -5.69 2.47 -24.35
CA ASP B 168 -4.72 1.53 -23.78
C ASP B 168 -3.18 1.84 -23.88
N ASP B 169 -2.43 0.76 -23.75
CA ASP B 169 -0.97 0.76 -23.64
C ASP B 169 -0.13 1.28 -24.82
N LYS B 170 -0.57 1.04 -26.06
CA LYS B 170 0.33 1.28 -27.20
C LYS B 170 0.41 2.73 -27.78
N HIS B 171 -0.32 3.67 -27.17
CA HIS B 171 -0.43 5.01 -27.65
C HIS B 171 -0.20 6.00 -26.50
N LYS B 172 0.09 7.23 -26.86
CA LYS B 172 0.36 8.22 -25.91
C LYS B 172 -0.93 8.94 -25.62
N GLY B 173 -0.91 9.65 -24.48
CA GLY B 173 -1.94 10.54 -23.96
C GLY B 173 -1.44 11.95 -24.02
N TYR B 174 -2.31 12.90 -23.66
CA TYR B 174 -1.96 14.32 -23.84
C TYR B 174 -2.64 15.19 -22.82
N LEU B 175 -1.82 16.02 -22.16
CA LEU B 175 -2.26 17.16 -21.43
C LEU B 175 -1.93 18.38 -22.25
N THR B 176 -2.99 19.05 -22.70
CA THR B 176 -2.82 20.19 -23.60
C THR B 176 -3.21 21.39 -22.78
N ILE B 177 -2.33 22.38 -22.83
CA ILE B 177 -2.52 23.61 -22.13
C ILE B 177 -2.69 24.78 -23.06
N GLY B 178 -3.68 25.56 -22.72
CA GLY B 178 -3.93 26.88 -23.29
C GLY B 178 -4.74 26.97 -24.55
N GLY B 179 -5.36 25.88 -24.94
CA GLY B 179 -6.16 25.78 -26.19
C GLY B 179 -6.85 24.41 -26.31
N ILE B 180 -8.02 24.34 -26.95
CA ILE B 180 -8.80 23.11 -27.06
C ILE B 180 -8.68 22.63 -28.50
N GLU B 181 -8.08 21.47 -28.73
CA GLU B 181 -7.72 21.04 -30.08
C GLU B 181 -8.73 20.01 -30.63
N ASP B 182 -9.17 20.21 -31.88
CA ASP B 182 -10.28 19.39 -32.44
C ASP B 182 -9.81 17.98 -32.57
N ARG B 183 -8.51 17.80 -32.86
CA ARG B 183 -7.98 16.47 -33.13
C ARG B 183 -8.43 15.46 -32.01
N PHE B 184 -8.78 15.90 -30.79
CA PHE B 184 -8.89 14.90 -29.73
C PHE B 184 -10.26 14.32 -29.54
N TYR B 185 -11.30 14.91 -30.12
CA TYR B 185 -12.68 14.39 -29.90
C TYR B 185 -13.61 14.50 -31.11
N GLU B 186 -14.79 13.87 -31.02
CA GLU B 186 -15.83 13.93 -32.04
C GLU B 186 -17.02 14.66 -31.46
N GLY B 187 -17.98 15.09 -32.29
CA GLY B 187 -19.09 15.87 -31.78
C GLY B 187 -18.77 17.13 -31.02
N GLN B 188 -19.70 17.50 -30.13
CA GLN B 188 -19.59 18.81 -29.46
C GLN B 188 -19.22 18.61 -28.05
N LEU B 189 -18.27 19.39 -27.57
CA LEU B 189 -18.14 19.54 -26.15
C LEU B 189 -19.48 19.83 -25.55
N THR B 190 -19.72 19.15 -24.45
CA THR B 190 -20.73 19.50 -23.51
C THR B 190 -20.14 20.08 -22.21
N TYR B 191 -20.72 21.16 -21.71
CA TYR B 191 -20.11 21.77 -20.54
C TYR B 191 -20.95 21.72 -19.27
N GLU B 192 -20.33 21.53 -18.10
CA GLU B 192 -21.07 21.59 -16.87
C GLU B 192 -20.56 22.63 -15.88
N LYS B 193 -21.45 23.17 -15.06
CA LYS B 193 -21.07 24.12 -14.02
C LYS B 193 -20.48 23.46 -12.80
N LEU B 194 -19.41 24.03 -12.22
CA LEU B 194 -18.85 23.58 -10.92
C LEU B 194 -19.70 23.99 -9.76
N ASN B 195 -19.60 23.28 -8.62
CA ASN B 195 -20.37 23.65 -7.42
C ASN B 195 -19.60 24.33 -6.28
N HIS B 196 -18.30 24.03 -6.14
CA HIS B 196 -17.43 24.65 -5.14
C HIS B 196 -16.10 24.74 -5.86
N ASP B 197 -15.15 25.55 -5.36
CA ASP B 197 -13.83 25.74 -6.09
C ASP B 197 -12.53 25.36 -5.31
N LEU B 198 -12.59 24.22 -4.60
CA LEU B 198 -11.43 23.49 -4.00
C LEU B 198 -10.84 22.79 -5.20
N TYR B 199 -11.67 21.94 -5.79
CA TYR B 199 -11.39 21.34 -7.10
C TYR B 199 -12.57 21.46 -8.13
N TRP B 200 -12.33 20.76 -9.26
CA TRP B 200 -13.29 20.52 -10.29
C TRP B 200 -14.34 19.50 -9.84
N GLN B 201 -15.42 20.04 -9.30
CA GLN B 201 -16.50 19.21 -8.78
C GLN B 201 -17.80 19.57 -9.42
N VAL B 202 -18.45 18.49 -9.86
CA VAL B 202 -19.66 18.51 -10.63
C VAL B 202 -20.82 17.76 -9.91
N ASP B 203 -22.04 18.28 -10.06
CA ASP B 203 -23.17 17.66 -9.46
C ASP B 203 -23.79 16.68 -10.39
N LEU B 204 -24.16 15.51 -9.88
CA LEU B 204 -24.68 14.49 -10.74
C LEU B 204 -25.68 13.60 -10.07
N ASP B 205 -26.53 12.98 -10.89
CA ASP B 205 -27.30 11.83 -10.53
C ASP B 205 -26.67 10.59 -11.11
N LEU B 206 -26.35 9.65 -10.22
CA LEU B 206 -25.74 8.39 -10.55
C LEU B 206 -26.76 7.24 -10.56
N HIS B 207 -26.66 6.41 -11.59
CA HIS B 207 -27.39 5.18 -11.70
C HIS B 207 -26.34 4.10 -12.03
N PHE B 208 -26.08 3.18 -11.08
CA PHE B 208 -25.09 2.14 -11.26
C PHE B 208 -25.79 0.84 -11.06
N GLY B 209 -26.14 0.14 -12.12
CA GLY B 209 -26.94 -1.08 -11.94
C GLY B 209 -28.24 -0.71 -11.28
N ASN B 210 -28.54 -1.29 -10.11
CA ASN B 210 -29.83 -0.95 -9.42
C ASN B 210 -29.76 0.35 -8.60
N LEU B 211 -28.53 0.85 -8.41
CA LEU B 211 -28.26 1.87 -7.42
C LEU B 211 -28.41 3.26 -7.94
N THR B 212 -29.07 4.14 -7.19
CA THR B 212 -29.14 5.55 -7.53
C THR B 212 -28.59 6.41 -6.42
N VAL B 213 -28.06 7.56 -6.78
CA VAL B 213 -27.89 8.65 -5.83
C VAL B 213 -28.19 9.99 -6.53
N GLU B 214 -29.13 10.73 -5.98
CA GLU B 214 -29.47 12.04 -6.49
C GLU B 214 -28.49 13.05 -5.88
N LYS B 215 -28.04 13.99 -6.65
CA LYS B 215 -27.23 15.07 -6.07
C LYS B 215 -25.86 14.58 -5.49
N ALA B 216 -25.30 13.54 -6.10
CA ALA B 216 -23.93 13.16 -5.79
C ALA B 216 -23.01 14.25 -6.29
N THR B 217 -21.79 14.32 -5.75
CA THR B 217 -20.82 15.24 -6.31
C THR B 217 -19.61 14.43 -6.74
N ALA B 218 -19.22 14.64 -7.98
CA ALA B 218 -18.13 13.94 -8.61
C ALA B 218 -16.92 14.88 -8.78
N ILE B 219 -15.76 14.43 -8.32
CA ILE B 219 -14.51 15.13 -8.59
C ILE B 219 -14.06 14.48 -9.87
N VAL B 220 -13.73 15.33 -10.84
CA VAL B 220 -13.10 14.88 -12.03
C VAL B 220 -11.63 15.00 -11.73
N ASP B 221 -11.00 13.84 -11.62
CA ASP B 221 -9.63 13.83 -11.22
C ASP B 221 -8.69 12.97 -12.05
N SER B 222 -7.79 13.61 -12.79
CA SER B 222 -6.87 12.92 -13.71
C SER B 222 -5.87 11.94 -13.08
N GLY B 223 -5.56 12.14 -11.79
CA GLY B 223 -4.54 11.37 -11.05
C GLY B 223 -5.10 10.26 -10.17
N THR B 224 -6.37 9.95 -10.36
CA THR B 224 -6.94 8.74 -9.82
C THR B 224 -7.12 7.77 -10.99
N SER B 225 -6.67 6.54 -10.81
CA SER B 225 -6.73 5.52 -11.86
C SER B 225 -8.06 4.76 -11.81
N SER B 226 -8.93 5.10 -10.86
CA SER B 226 -10.25 4.52 -10.91
C SER B 226 -11.44 5.44 -10.78
N ILE B 227 -12.62 4.87 -10.96
CA ILE B 227 -13.85 5.44 -10.47
C ILE B 227 -13.83 4.97 -9.06
N THR B 228 -14.14 5.91 -8.16
CA THR B 228 -14.21 5.64 -6.72
C THR B 228 -15.55 6.07 -6.17
N ALA B 229 -16.03 5.41 -5.13
CA ALA B 229 -17.35 5.69 -4.59
C ALA B 229 -17.34 5.31 -3.12
N PRO B 230 -18.20 5.94 -2.27
CA PRO B 230 -18.28 5.47 -0.84
C PRO B 230 -18.35 3.97 -0.64
N THR B 231 -17.68 3.48 0.39
CA THR B 231 -17.64 2.06 0.71
C THR B 231 -19.05 1.55 0.73
N GLU B 232 -19.92 2.13 1.54
CA GLU B 232 -21.21 1.50 1.71
C GLU B 232 -21.94 1.25 0.37
N PHE B 233 -21.86 2.23 -0.48
CA PHE B 233 -22.61 2.20 -1.67
C PHE B 233 -22.00 1.22 -2.71
N LEU B 234 -20.67 1.10 -2.68
CA LEU B 234 -19.95 0.25 -3.57
C LEU B 234 -20.20 -1.15 -3.14
N ASN B 235 -20.38 -1.31 -1.82
CA ASN B 235 -20.67 -2.63 -1.26
C ASN B 235 -21.96 -3.07 -1.90
N LYS B 236 -23.03 -2.29 -1.81
CA LYS B 236 -24.23 -2.63 -2.54
C LYS B 236 -24.00 -2.76 -4.06
N PHE B 237 -23.11 -1.96 -4.63
CA PHE B 237 -22.98 -2.01 -6.08
C PHE B 237 -22.59 -3.39 -6.55
N PHE B 238 -21.63 -3.99 -5.87
CA PHE B 238 -21.04 -5.21 -6.35
C PHE B 238 -21.88 -6.46 -6.16
N GLU B 239 -22.91 -6.37 -5.32
CA GLU B 239 -23.60 -7.57 -4.96
C GLU B 239 -24.34 -8.15 -6.17
N GLY B 240 -24.39 -9.47 -6.22
CA GLY B 240 -24.90 -10.15 -7.39
C GLY B 240 -24.18 -9.84 -8.67
N LEU B 241 -23.00 -9.22 -8.62
CA LEU B 241 -22.25 -9.02 -9.86
C LEU B 241 -21.15 -10.06 -10.08
N ASP B 242 -20.93 -10.98 -9.12
CA ASP B 242 -19.88 -11.97 -9.29
C ASP B 242 -18.48 -11.28 -9.45
N VAL B 243 -18.28 -10.31 -8.55
CA VAL B 243 -17.01 -9.62 -8.42
C VAL B 243 -16.40 -10.07 -7.11
N VAL B 244 -15.12 -10.43 -7.10
CA VAL B 244 -14.47 -10.85 -5.87
C VAL B 244 -13.37 -9.88 -5.55
N LYS B 245 -13.41 -9.46 -4.30
CA LYS B 245 -12.42 -8.66 -3.68
C LYS B 245 -11.32 -9.55 -3.15
N ILE B 246 -10.07 -9.25 -3.51
CA ILE B 246 -8.90 -9.91 -2.89
C ILE B 246 -8.71 -9.34 -1.50
N PRO B 247 -8.71 -10.19 -0.49
CA PRO B 247 -8.53 -9.71 0.89
C PRO B 247 -7.34 -8.78 1.01
N PHE B 248 -7.49 -7.77 1.86
CA PHE B 248 -6.45 -6.82 2.19
C PHE B 248 -5.90 -6.06 1.05
N LEU B 249 -6.45 -6.25 -0.15
CA LEU B 249 -6.05 -5.43 -1.28
C LEU B 249 -7.26 -4.78 -1.91
N PRO B 250 -7.08 -3.55 -2.38
CA PRO B 250 -8.00 -2.80 -3.19
C PRO B 250 -8.09 -3.45 -4.57
N LEU B 251 -8.45 -4.73 -4.65
CA LEU B 251 -8.43 -5.35 -5.94
C LEU B 251 -9.69 -6.16 -6.17
N TYR B 252 -10.29 -5.94 -7.35
CA TYR B 252 -11.61 -6.40 -7.68
C TYR B 252 -11.51 -7.15 -8.95
N ILE B 253 -11.71 -8.46 -8.89
CA ILE B 253 -11.54 -9.24 -10.05
C ILE B 253 -12.85 -9.88 -10.51
N THR B 254 -12.97 -9.98 -11.82
CA THR B 254 -14.12 -10.68 -12.35
C THR B 254 -13.73 -11.14 -13.73
N THR B 255 -14.56 -11.91 -14.37
CA THR B 255 -14.33 -12.48 -15.69
C THR B 255 -14.50 -11.34 -16.69
N CYS B 256 -13.64 -11.23 -17.70
CA CYS B 256 -13.72 -10.06 -18.59
C CYS B 256 -15.06 -9.91 -19.32
N ASN B 257 -15.66 -11.01 -19.76
CA ASN B 257 -16.97 -10.97 -20.45
C ASN B 257 -18.18 -11.11 -19.53
N ASN B 258 -18.02 -10.82 -18.24
CA ASN B 258 -19.15 -10.92 -17.31
C ASN B 258 -20.33 -10.21 -17.93
N PRO B 259 -21.43 -10.94 -18.22
CA PRO B 259 -22.54 -10.19 -18.79
C PRO B 259 -23.38 -9.37 -17.76
N LYS B 260 -23.22 -9.58 -16.48
CA LYS B 260 -24.05 -8.87 -15.49
C LYS B 260 -23.64 -7.44 -15.22
N LEU B 261 -22.38 -7.10 -15.52
CA LEU B 261 -21.79 -5.81 -15.26
C LEU B 261 -22.43 -4.61 -16.02
N PRO B 262 -23.05 -3.64 -15.31
CA PRO B 262 -23.87 -2.63 -16.02
C PRO B 262 -23.08 -1.45 -16.64
N THR B 263 -23.73 -0.73 -17.55
CA THR B 263 -23.21 0.53 -18.05
C THR B 263 -23.55 1.66 -17.06
N LEU B 264 -22.52 2.37 -16.65
CA LEU B 264 -22.66 3.37 -15.60
C LEU B 264 -23.27 4.62 -16.23
N GLU B 265 -24.33 5.18 -15.62
CA GLU B 265 -24.87 6.48 -16.06
C GLU B 265 -24.58 7.54 -15.02
N PHE B 266 -24.27 8.74 -15.51
CA PHE B 266 -24.12 9.91 -14.68
C PHE B 266 -24.89 11.01 -15.35
N ARG B 267 -25.85 11.61 -14.65
CA ARG B 267 -26.72 12.60 -15.22
C ARG B 267 -26.43 14.00 -14.66
N SER B 268 -26.07 14.95 -15.52
CA SER B 268 -26.04 16.34 -15.10
C SER B 268 -27.39 16.94 -15.26
N ALA B 269 -27.53 18.21 -14.90
CA ALA B 269 -28.74 18.96 -15.14
C ALA B 269 -29.37 18.63 -16.54
N THR B 270 -28.63 18.83 -17.62
CA THR B 270 -29.21 18.62 -18.96
C THR B 270 -28.69 17.38 -19.66
N ASN B 271 -27.52 16.91 -19.22
CA ASN B 271 -26.79 15.88 -19.98
C ASN B 271 -26.70 14.50 -19.35
N VAL B 272 -26.18 13.56 -20.15
CA VAL B 272 -26.06 12.20 -19.73
C VAL B 272 -24.77 11.65 -20.29
N TYR B 273 -23.94 11.06 -19.42
CA TYR B 273 -22.72 10.35 -19.84
C TYR B 273 -22.85 8.94 -19.30
N THR B 274 -22.36 7.97 -20.06
CA THR B 274 -22.41 6.54 -19.64
C THR B 274 -20.98 6.07 -19.69
N LEU B 275 -20.77 4.94 -18.99
CA LEU B 275 -19.47 4.31 -18.93
C LEU B 275 -19.60 2.80 -19.06
N GLU B 276 -19.37 2.27 -20.24
CA GLU B 276 -19.55 0.84 -20.38
C GLU B 276 -18.43 0.01 -19.72
N PRO B 277 -18.74 -1.24 -19.29
CA PRO B 277 -17.81 -2.14 -18.64
C PRO B 277 -16.42 -2.04 -19.24
N GLU B 278 -16.32 -2.07 -20.55
CA GLU B 278 -15.02 -2.09 -21.19
C GLU B 278 -14.12 -0.93 -20.80
N TYR B 279 -14.66 0.12 -20.20
CA TYR B 279 -13.77 1.26 -19.89
C TYR B 279 -13.35 1.19 -18.43
N TYR B 280 -14.02 0.33 -17.66
CA TYR B 280 -13.62 0.13 -16.31
C TYR B 280 -13.07 -1.26 -16.02
N LEU B 281 -12.61 -1.95 -17.06
CA LEU B 281 -12.06 -3.31 -16.92
C LEU B 281 -10.74 -3.36 -17.61
N GLN B 282 -9.78 -4.05 -17.00
CA GLN B 282 -8.43 -4.16 -17.52
C GLN B 282 -8.11 -5.62 -17.44
N GLN B 283 -7.82 -6.26 -18.55
CA GLN B 283 -7.35 -7.62 -18.52
C GLN B 283 -6.13 -7.81 -17.62
N ILE B 284 -6.22 -8.78 -16.73
CA ILE B 284 -5.17 -9.01 -15.74
C ILE B 284 -4.49 -10.39 -15.82
N PHE B 285 -5.17 -11.32 -16.43
CA PHE B 285 -4.66 -12.67 -16.46
C PHE B 285 -5.29 -13.36 -17.63
N ASP B 286 -4.61 -14.31 -18.24
CA ASP B 286 -5.15 -14.93 -19.46
C ASP B 286 -4.70 -16.36 -19.74
N PHE B 287 -4.73 -17.22 -18.74
CA PHE B 287 -4.44 -18.65 -18.91
C PHE B 287 -5.69 -19.44 -18.54
N GLY B 288 -6.39 -19.98 -19.53
CA GLY B 288 -7.59 -20.73 -19.21
C GLY B 288 -8.82 -19.84 -19.18
N ILE B 289 -8.72 -18.57 -18.77
CA ILE B 289 -9.81 -17.59 -18.98
C ILE B 289 -9.28 -16.17 -19.11
N SER B 290 -10.10 -15.26 -19.59
CA SER B 290 -9.75 -13.84 -19.51
C SER B 290 -10.24 -13.15 -18.22
N LEU B 291 -9.31 -12.87 -17.32
CA LEU B 291 -9.60 -12.27 -16.02
C LEU B 291 -9.22 -10.77 -15.93
N CYS B 292 -10.22 -9.95 -15.58
CA CYS B 292 -10.08 -8.52 -15.50
C CYS B 292 -10.12 -7.95 -14.06
N MET B 293 -9.39 -6.88 -13.83
CA MET B 293 -9.63 -6.03 -12.64
C MET B 293 -10.72 -5.00 -12.96
N VAL B 294 -11.65 -4.77 -12.04
CA VAL B 294 -12.57 -3.63 -12.25
C VAL B 294 -12.04 -2.36 -11.56
N SER B 295 -12.05 -1.23 -12.26
CA SER B 295 -11.47 -0.05 -11.70
C SER B 295 -12.53 0.75 -11.01
N ILE B 296 -13.11 0.17 -9.97
CA ILE B 296 -14.11 0.85 -9.21
C ILE B 296 -13.83 0.57 -7.76
N ILE B 297 -13.35 1.57 -7.03
CA ILE B 297 -12.88 1.25 -5.73
C ILE B 297 -13.44 2.13 -4.64
N PRO B 298 -13.47 1.62 -3.39
CA PRO B 298 -14.10 2.41 -2.36
C PRO B 298 -13.14 3.34 -1.71
N VAL B 299 -13.51 4.60 -1.63
CA VAL B 299 -12.77 5.65 -0.93
C VAL B 299 -13.85 6.43 -0.17
N ASP B 300 -13.76 6.55 1.13
CA ASP B 300 -14.72 7.41 1.80
C ASP B 300 -14.26 8.90 1.93
N LEU B 301 -14.88 9.79 1.18
CA LEU B 301 -14.57 11.21 1.25
C LEU B 301 -15.76 11.89 1.89
N ASN B 302 -16.06 13.10 1.49
CA ASN B 302 -17.30 13.73 1.96
C ASN B 302 -18.59 13.04 1.57
N LYS B 303 -19.68 13.46 2.16
CA LYS B 303 -20.97 12.77 1.95
C LYS B 303 -21.22 12.68 0.45
N ASN B 304 -21.51 11.45 0.01
CA ASN B 304 -21.87 11.15 -1.38
C ASN B 304 -20.84 11.56 -2.39
N THR B 305 -19.53 11.54 -2.08
CA THR B 305 -18.56 12.07 -3.07
C THR B 305 -17.83 10.95 -3.79
N PHE B 306 -17.79 11.06 -5.13
CA PHE B 306 -17.35 10.07 -6.04
C PHE B 306 -16.26 10.74 -6.81
N ILE B 307 -15.32 9.97 -7.34
CA ILE B 307 -14.24 10.49 -8.19
C ILE B 307 -14.30 9.82 -9.57
N LEU B 308 -14.22 10.66 -10.61
CA LEU B 308 -14.28 10.19 -11.97
C LEU B 308 -12.87 10.29 -12.42
N GLY B 309 -12.15 9.17 -12.33
CA GLY B 309 -10.73 9.15 -12.66
C GLY B 309 -10.51 8.57 -14.05
N ASP B 310 -9.28 8.10 -14.34
CA ASP B 310 -8.90 7.60 -15.63
C ASP B 310 -9.92 6.80 -16.45
N PRO B 311 -10.62 5.82 -15.82
CA PRO B 311 -11.51 5.08 -16.66
C PRO B 311 -12.54 5.94 -17.36
N PHE B 312 -13.15 6.87 -16.63
CA PHE B 312 -14.10 7.79 -17.23
C PHE B 312 -13.46 8.67 -18.33
N MET B 313 -12.21 9.13 -18.11
CA MET B 313 -11.54 10.00 -19.07
C MET B 313 -10.96 9.22 -20.23
N ARG B 314 -10.88 7.91 -20.11
CA ARG B 314 -10.43 7.20 -21.25
C ARG B 314 -11.54 7.25 -22.30
N LYS B 315 -12.82 7.25 -21.88
CA LYS B 315 -13.96 7.48 -22.80
C LYS B 315 -14.21 8.92 -23.21
N TYR B 316 -14.10 9.86 -22.24
CA TYR B 316 -14.42 11.26 -22.44
C TYR B 316 -13.20 12.17 -22.38
N PHE B 317 -12.83 12.75 -23.52
CA PHE B 317 -11.89 13.85 -23.55
C PHE B 317 -12.44 14.93 -22.63
N THR B 318 -11.62 15.53 -21.79
CA THR B 318 -12.23 16.44 -20.84
C THR B 318 -11.49 17.79 -20.82
N VAL B 319 -12.24 18.90 -20.78
CA VAL B 319 -11.71 20.22 -20.78
C VAL B 319 -11.91 20.89 -19.44
N PHE B 320 -10.84 21.46 -18.88
CA PHE B 320 -10.89 22.17 -17.60
C PHE B 320 -10.63 23.63 -17.81
N ASP B 321 -11.67 24.40 -17.65
CA ASP B 321 -11.61 25.83 -17.95
C ASP B 321 -11.69 26.61 -16.64
N TYR B 322 -10.55 27.08 -16.11
CA TYR B 322 -10.52 27.98 -14.95
C TYR B 322 -11.32 29.22 -15.22
N ASP B 323 -11.27 29.70 -16.46
CA ASP B 323 -11.81 31.01 -16.81
C ASP B 323 -13.31 31.10 -16.77
N ASN B 324 -13.98 30.03 -17.16
CA ASN B 324 -15.43 29.97 -17.17
C ASN B 324 -15.96 29.04 -16.12
N HIS B 325 -15.06 28.56 -15.28
CA HIS B 325 -15.51 27.73 -14.18
C HIS B 325 -16.34 26.51 -14.65
N THR B 326 -15.84 25.73 -15.60
CA THR B 326 -16.63 24.61 -16.15
C THR B 326 -15.72 23.48 -16.50
N VAL B 327 -16.28 22.29 -16.49
CA VAL B 327 -15.63 21.16 -17.10
C VAL B 327 -16.42 20.80 -18.36
N GLY B 328 -15.71 20.39 -19.38
CA GLY B 328 -16.30 19.98 -20.66
C GLY B 328 -15.96 18.52 -21.08
N PHE B 329 -16.87 17.92 -21.84
CA PHE B 329 -16.84 16.52 -22.13
C PHE B 329 -17.29 16.24 -23.56
N ALA B 330 -16.62 15.28 -24.16
CA ALA B 330 -17.01 14.82 -25.48
C ALA B 330 -16.35 13.52 -25.71
N LEU B 331 -16.82 12.79 -26.68
CA LEU B 331 -16.26 11.50 -26.95
C LEU B 331 -14.83 11.63 -27.44
N ALA B 332 -13.83 11.09 -26.70
CA ALA B 332 -12.41 10.96 -27.17
C ALA B 332 -12.42 10.22 -28.51
N LYS B 333 -11.53 10.64 -29.42
CA LYS B 333 -11.30 9.96 -30.68
C LYS B 333 -10.59 8.65 -30.43
N LYS B 334 -10.93 7.63 -31.21
CA LYS B 334 -10.35 6.34 -31.00
C LYS B 334 -8.96 6.29 -31.61
N LYS B 335 -8.68 7.04 -32.66
CA LYS B 335 -7.30 7.14 -33.10
C LYS B 335 -6.98 8.55 -33.63
N LEU B 336 -5.75 8.99 -33.38
CA LEU B 336 -5.39 10.39 -33.62
C LEU B 336 -4.93 10.62 -35.06
#